data_3ZMS
#
_entry.id   3ZMS
#
_cell.length_a   119.130
_cell.length_b   181.820
_cell.length_c   233.450
_cell.angle_alpha   90.00
_cell.angle_beta   90.00
_cell.angle_gamma   90.00
#
_symmetry.space_group_name_H-M   'I 2 2 2'
#
loop_
_entity.id
_entity.type
_entity.pdbx_description
1 polymer 'LYSINE-SPECIFIC HISTONE DEMETHYLASE 1A'
2 polymer 'REST COREPRESSOR 1'
3 polymer 'INSULINOMA-ASSOCIATED PROTEIN 1'
4 non-polymer 'FLAVIN-ADENINE DINUCLEOTIDE'
#
loop_
_entity_poly.entity_id
_entity_poly.type
_entity_poly.pdbx_seq_one_letter_code
_entity_poly.pdbx_strand_id
1 'polypeptide(L)'
;MLSGKKAAAAAAAAAAAATGTEAGPGTAGGSENGSEVAAQPAGLSGPAEVGPGAVGERTPRKKEPPRASPPGGLAEPPGS
AGPQAGPTVVPGSATPMETGIAETPEGRRTSRRKRAKVEYREMDESLANLSEDEYYSEEERNAKAEKEKKLPPPPPQAPP
EEENESEPEEPSGQAGGLQDDSSGGYGDGQPSGVEGAAFQSRLPHDRMTSQEAACFPDIISGPQQTQKVFLFIRNRTLQL
WLDNPKIQLTFEATLQQLEAPYNSDTVLVHRVHSYLERHGLINFGIYKRIKPLPTKKTGKVIIIGSGVSGLAAARQLQSF
GMDVTLLEARDRVGGRVATFRKGNYVADLGAMVVTGLGGNPMAVVSKQVNMELAKIKQKCPLYEANGQAVPKEKDEMVEQ
EFNRLLEATSYLSHQLDFNVLNNKPVSLGQALEVVIQLQEKHVKDEQIEHWKKIVKTQEELKELLNKMVNLKEKIKELHQ
QYKEASEVKPPRDITAEFLVKSKHRDLTALCKEYDELAETQGKLEEKLQELEANPPSDVYLSSRDRQILDWHFANLEFAN
ATPLSTLSLKHWDQDDDFEFTGSHLTVRNGYSCVPVALAEGLDIKLNTAVRQVRYTASGCEVIAVNTRSTSQTFIYKCDA
VLCTLPLGVLKQQPPAVQFVPPLPEWKTSAVQRMGFGNLNKVVLCFDRVFWDPSVNLFGHVGSTTASRGELFLFWNLYKA
PILLALVAGEAAGIMENISDDVIVGRCLAILKGIFGSSAVPQPKETVVSRWRADPWARGSYSYVAAGSSGNDYDLMAQPI
TPGPSIPGAPQPIPRLFFAGEHTIRNYPATVHGALLSGLREAGRIADQFLGAMYTLPRQATPGVPAQQSPSM
;
A
2 'polypeptide(L)'
;MVEKGPEVSGKRRGRNNAAASASAAAASAAASAACASPAATAASGAAASSASAAAASAAAAPNNGQNKSLAAAAPNGNSS
SNSWEEGSSGSSSDEEHGGGGMRVGPQYQAVVPDFDPAKLARRSQERDNLGMLVWSPNQNLSEAKLDEYIAIAKEKHGYN
MEQALGMLFWHKHNIEKSLADLPNFTPFPDEWTVEDKVLFEQAFSFHGKTFHRIQQMLPDKSIASLVKFYYSWKKTRTKT
SVMDRHARKQKREREESEDELEEANGNNPIDIEVDQNKESKKEVPPTETVPQVKKEKHSTQAKNRAKRKPPKGMFLSQED
VEAVSANATAATTVLRQLDMELVSVKRQIQNIKQTNSALKEKLDGGIEPYRLPEVIQKCNARWTTEEQLLAVQAIRKYGR
DFQAISDVIGNKSVVQVKNFFVNYRRRFNIDEVLQEWEAEHGKEETNGPSNQKPVKSPDNSIKMPEEEDEAPVLDVRYAS
AS
;
B
3 'polypeptide(L)'
;PRGFLVKRSKKSTPVSYRVRGGEDGDRALLLSPSCGGARAEPPAPSPVPGPLPPPPPAERAHAALAAALACAPGPQPPPQ
GPRAAHFGNPEAAHPAPLYSPTRPVSREHEKHKYFERSFNLGSPVSAESFPTPAALLGGGGGGGASGAGGGGTCGGDPLL
FAPAELKMGTAFSAGAEAARGPGPGPPLPPAAALRPPGKRPPPPTAAEPPAKAVKAPGAKKPKAIRKLHFEDEVTTSPVL
GLKIKEGPVEAPRGRAGGAARPLGEFICQLCKEEYADPFALAQHKCSRIVRVEYRCPECAKVFSCPANLASHRRWHKPRP
APAAARAPEPEAAARAEAREAPGGGSDRDTPSPGGVSESGSEDGLYECHHCAKKFRRQAYLRKHLLAHHQALQAKGAPLA
PPAEDLLALYPGPDEKAPQEAAGDGEGAGVLGLSASAECHLCPVCGESFASKGAQERHLRLLHAAQVFPCKYCPATFYSS
PGLTRHINKCHPSENRQVILLQVPVRPAC
;
C
#
# COMPACT_ATOMS: atom_id res chain seq x y z
N SER A 192 -1.81 24.77 -20.33
CA SER A 192 -2.68 25.65 -21.17
C SER A 192 -2.13 25.84 -22.58
N GLY A 193 -3.02 26.20 -23.50
CA GLY A 193 -2.67 26.34 -24.91
C GLY A 193 -3.15 25.15 -25.71
N VAL A 194 -2.46 24.85 -26.81
CA VAL A 194 -2.78 23.68 -27.62
C VAL A 194 -2.35 22.39 -26.93
N GLU A 195 -1.27 22.48 -26.16
CA GLU A 195 -0.74 21.32 -25.41
C GLU A 195 -1.63 20.97 -24.22
N GLY A 196 -2.30 21.97 -23.67
CA GLY A 196 -3.21 21.79 -22.53
C GLY A 196 -4.47 21.06 -22.93
N ALA A 197 -4.93 21.32 -24.16
CA ALA A 197 -6.09 20.65 -24.74
C ALA A 197 -5.83 19.15 -24.97
N ALA A 198 -4.63 18.84 -25.46
CA ALA A 198 -4.20 17.45 -25.66
C ALA A 198 -4.21 16.69 -24.33
N PHE A 199 -3.77 17.37 -23.28
CA PHE A 199 -3.78 16.80 -21.93
C PHE A 199 -5.21 16.56 -21.46
N GLN A 200 -6.06 17.59 -21.56
CA GLN A 200 -7.45 17.50 -21.15
C GLN A 200 -8.22 16.47 -21.97
N SER A 201 -7.64 16.04 -23.09
CA SER A 201 -8.22 14.98 -23.92
C SER A 201 -7.43 13.66 -23.82
N ARG A 202 -6.65 13.52 -22.75
CA ARG A 202 -5.88 12.31 -22.45
C ARG A 202 -4.96 11.86 -23.58
N LEU A 203 -4.36 12.82 -24.27
CA LEU A 203 -3.47 12.54 -25.40
C LEU A 203 -2.13 13.24 -25.22
N PRO A 204 -1.02 12.58 -25.63
CA PRO A 204 0.28 13.24 -25.68
C PRO A 204 0.30 14.32 -26.77
N HIS A 205 0.70 15.52 -26.40
CA HIS A 205 0.66 16.68 -27.32
C HIS A 205 1.69 16.60 -28.42
N ASP A 206 2.76 15.86 -28.17
CA ASP A 206 3.92 15.84 -29.07
C ASP A 206 4.17 14.47 -29.69
N ARG A 207 3.14 13.62 -29.68
CA ARG A 207 3.25 12.26 -30.20
C ARG A 207 1.93 11.75 -30.74
N MET A 208 1.99 11.05 -31.86
CA MET A 208 0.81 10.42 -32.46
C MET A 208 0.50 9.10 -31.75
N THR A 209 -0.78 8.90 -31.42
CA THR A 209 -1.23 7.71 -30.71
C THR A 209 -1.36 6.51 -31.64
N SER A 210 -1.62 5.34 -31.06
CA SER A 210 -1.84 4.12 -31.84
C SER A 210 -3.10 4.22 -32.70
N GLN A 211 -4.16 4.77 -32.12
CA GLN A 211 -5.44 4.97 -32.81
C GLN A 211 -5.30 5.94 -33.97
N GLU A 212 -4.43 6.93 -33.81
CA GLU A 212 -4.14 7.90 -34.87
C GLU A 212 -3.28 7.28 -35.97
N ALA A 213 -2.35 6.41 -35.58
CA ALA A 213 -1.51 5.69 -36.53
C ALA A 213 -2.35 4.84 -37.49
N ALA A 214 -3.46 4.32 -36.97
CA ALA A 214 -4.36 3.48 -37.76
C ALA A 214 -5.11 4.30 -38.81
N CYS A 215 -5.61 5.46 -38.41
CA CYS A 215 -6.41 6.31 -39.29
C CYS A 215 -5.57 7.19 -40.22
N PHE A 216 -4.34 7.50 -39.82
CA PHE A 216 -3.47 8.37 -40.61
C PHE A 216 -2.11 7.71 -40.87
N PRO A 217 -2.12 6.50 -41.46
CA PRO A 217 -0.85 5.78 -41.62
C PRO A 217 0.11 6.47 -42.59
N ASP A 218 -0.45 7.30 -43.47
CA ASP A 218 0.33 8.08 -44.43
C ASP A 218 1.19 9.12 -43.73
N ILE A 219 0.63 9.74 -42.69
CA ILE A 219 1.31 10.81 -41.95
C ILE A 219 2.40 10.28 -41.03
N ILE A 220 2.04 9.35 -40.15
CA ILE A 220 2.95 8.83 -39.12
C ILE A 220 4.17 8.10 -39.70
N SER A 221 4.01 7.48 -40.87
CA SER A 221 5.12 6.81 -41.55
C SER A 221 5.91 7.79 -42.42
N GLY A 222 5.37 8.99 -42.58
CA GLY A 222 6.00 10.03 -43.37
C GLY A 222 6.99 10.88 -42.59
N PRO A 223 7.33 12.08 -43.12
CA PRO A 223 8.35 12.94 -42.51
C PRO A 223 7.88 13.66 -41.23
N GLN A 224 8.83 13.91 -40.33
CA GLN A 224 8.56 14.53 -39.03
C GLN A 224 7.84 15.87 -39.13
N GLN A 225 8.12 16.60 -40.21
CA GLN A 225 7.50 17.90 -40.47
C GLN A 225 5.98 17.78 -40.52
N THR A 226 5.50 16.82 -41.32
CA THR A 226 4.05 16.60 -41.50
C THR A 226 3.39 16.23 -40.19
N GLN A 227 4.05 15.38 -39.41
CA GLN A 227 3.53 14.89 -38.13
C GLN A 227 3.22 16.04 -37.16
N LYS A 228 4.13 17.01 -37.09
CA LYS A 228 3.97 18.18 -36.23
C LYS A 228 2.82 19.07 -36.68
N VAL A 229 2.58 19.13 -37.98
CA VAL A 229 1.44 19.85 -38.54
C VAL A 229 0.15 19.15 -38.10
N PHE A 230 0.13 17.83 -38.29
CA PHE A 230 -1.00 17.00 -37.85
C PHE A 230 -1.30 17.21 -36.38
N LEU A 231 -0.25 17.05 -35.56
CA LEU A 231 -0.37 17.17 -34.12
C LEU A 231 -0.92 18.54 -33.72
N PHE A 232 -0.43 19.60 -34.35
CA PHE A 232 -0.97 20.94 -34.10
C PHE A 232 -2.43 21.04 -34.49
N ILE A 233 -2.76 20.57 -35.70
CA ILE A 233 -4.12 20.63 -36.18
C ILE A 233 -5.04 19.93 -35.20
N ARG A 234 -4.66 18.71 -34.82
CA ARG A 234 -5.38 17.90 -33.84
C ARG A 234 -5.56 18.67 -32.53
N ASN A 235 -4.45 19.17 -31.98
CA ASN A 235 -4.46 19.89 -30.71
C ASN A 235 -5.30 21.17 -30.75
N ARG A 236 -5.11 21.98 -31.79
CA ARG A 236 -5.82 23.25 -31.93
C ARG A 236 -7.33 23.04 -32.02
N THR A 237 -7.75 22.02 -32.78
CA THR A 237 -9.16 21.67 -32.90
C THR A 237 -9.75 21.29 -31.55
N LEU A 238 -8.99 20.49 -30.79
CA LEU A 238 -9.39 20.10 -29.44
C LEU A 238 -9.59 21.32 -28.56
N GLN A 239 -8.60 22.23 -28.61
CA GLN A 239 -8.66 23.48 -27.85
C GLN A 239 -9.95 24.22 -28.14
N LEU A 240 -10.26 24.37 -29.43
CA LEU A 240 -11.47 25.07 -29.88
C LEU A 240 -12.73 24.47 -29.25
N TRP A 241 -12.86 23.14 -29.36
CA TRP A 241 -14.01 22.43 -28.79
C TRP A 241 -14.09 22.60 -27.30
N LEU A 242 -12.95 22.48 -26.63
CA LEU A 242 -12.91 22.56 -25.17
C LEU A 242 -13.26 23.94 -24.65
N ASP A 243 -12.83 24.97 -25.36
CA ASP A 243 -13.09 26.37 -24.99
C ASP A 243 -14.58 26.69 -24.97
N ASN A 244 -15.33 26.04 -25.84
CA ASN A 244 -16.78 26.21 -25.88
C ASN A 244 -17.50 24.89 -26.22
N PRO A 245 -17.68 24.01 -25.21
CA PRO A 245 -18.25 22.69 -25.46
C PRO A 245 -19.79 22.68 -25.46
N LYS A 246 -20.41 23.85 -25.35
CA LYS A 246 -21.88 23.95 -25.39
C LYS A 246 -22.43 24.18 -26.81
N ILE A 247 -21.53 24.28 -27.79
CA ILE A 247 -21.91 24.39 -29.20
C ILE A 247 -21.09 23.46 -30.10
N GLN A 248 -21.74 22.91 -31.12
CA GLN A 248 -21.09 22.01 -32.08
C GLN A 248 -19.92 22.71 -32.77
N LEU A 249 -18.80 22.02 -32.88
CA LEU A 249 -17.66 22.52 -33.64
C LEU A 249 -17.62 21.90 -35.02
N THR A 250 -17.95 22.70 -36.03
CA THR A 250 -18.00 22.25 -37.42
C THR A 250 -16.62 22.34 -38.06
N PHE A 251 -16.46 21.64 -39.18
CA PHE A 251 -15.24 21.72 -39.97
C PHE A 251 -14.98 23.14 -40.46
N GLU A 252 -16.05 23.84 -40.83
CA GLU A 252 -15.97 25.21 -41.32
C GLU A 252 -15.47 26.17 -40.25
N ALA A 253 -16.04 26.05 -39.04
CA ALA A 253 -15.62 26.88 -37.90
C ALA A 253 -14.17 26.60 -37.51
N THR A 254 -13.73 25.36 -37.73
CA THR A 254 -12.38 24.92 -37.42
C THR A 254 -11.37 25.54 -38.38
N LEU A 255 -11.62 25.39 -39.68
CA LEU A 255 -10.76 25.93 -40.73
C LEU A 255 -10.70 27.45 -40.65
N GLN A 256 -11.82 28.06 -40.26
CA GLN A 256 -11.92 29.50 -40.05
C GLN A 256 -10.82 30.04 -39.13
N GLN A 257 -10.56 29.32 -38.04
CA GLN A 257 -9.63 29.79 -37.01
C GLN A 257 -8.23 29.16 -37.06
N LEU A 258 -7.80 28.78 -38.27
CA LEU A 258 -6.45 28.23 -38.45
C LEU A 258 -5.54 29.17 -39.24
N GLU A 259 -4.26 29.17 -38.86
CA GLU A 259 -3.25 30.03 -39.51
C GLU A 259 -2.50 29.25 -40.59
N ALA A 260 -1.61 29.94 -41.29
CA ALA A 260 -0.68 29.30 -42.22
C ALA A 260 0.51 28.76 -41.43
N PRO A 261 1.11 27.64 -41.87
CA PRO A 261 0.75 26.82 -43.04
C PRO A 261 -0.25 25.69 -42.72
N TYR A 262 -1.03 25.87 -41.66
CA TYR A 262 -1.92 24.82 -41.18
C TYR A 262 -3.24 24.76 -41.96
N ASN A 263 -3.74 25.92 -42.38
CA ASN A 263 -4.98 26.00 -43.15
C ASN A 263 -4.80 25.86 -44.66
N SER A 264 -3.57 25.60 -45.09
CA SER A 264 -3.25 25.44 -46.50
C SER A 264 -3.71 24.10 -47.08
N ASP A 265 -3.61 23.06 -46.27
CA ASP A 265 -4.09 21.73 -46.66
C ASP A 265 -5.44 21.44 -46.01
N THR A 266 -6.52 21.71 -46.75
CA THR A 266 -7.87 21.60 -46.20
C THR A 266 -8.37 20.16 -46.06
N VAL A 267 -7.80 19.24 -46.83
CA VAL A 267 -8.18 17.82 -46.71
C VAL A 267 -7.64 17.20 -45.42
N LEU A 268 -6.41 17.56 -45.05
CA LEU A 268 -5.83 17.11 -43.79
C LEU A 268 -6.65 17.65 -42.61
N VAL A 269 -7.02 18.93 -42.68
CA VAL A 269 -7.86 19.56 -41.66
C VAL A 269 -9.20 18.85 -41.56
N HIS A 270 -9.73 18.42 -42.70
CA HIS A 270 -11.00 17.70 -42.72
C HIS A 270 -10.87 16.31 -42.15
N ARG A 271 -9.81 15.61 -42.55
CA ARG A 271 -9.50 14.28 -42.04
C ARG A 271 -9.35 14.27 -40.51
N VAL A 272 -8.70 15.31 -39.98
CA VAL A 272 -8.51 15.47 -38.55
C VAL A 272 -9.86 15.71 -37.86
N HIS A 273 -10.61 16.72 -38.33
CA HIS A 273 -11.89 17.06 -37.70
C HIS A 273 -12.82 15.89 -37.65
N SER A 274 -12.88 15.14 -38.76
CA SER A 274 -13.80 14.01 -38.87
C SER A 274 -13.41 12.90 -37.91
N TYR A 275 -12.11 12.60 -37.85
CA TYR A 275 -11.56 11.62 -36.92
C TYR A 275 -11.92 11.93 -35.48
N LEU A 276 -11.72 13.19 -35.09
CA LEU A 276 -12.00 13.64 -33.73
C LEU A 276 -13.50 13.60 -33.41
N GLU A 277 -14.31 13.80 -34.45
CA GLU A 277 -15.76 13.80 -34.28
C GLU A 277 -16.26 12.37 -34.14
N ARG A 278 -15.65 11.47 -34.92
CA ARG A 278 -16.04 10.07 -34.96
C ARG A 278 -15.76 9.38 -33.63
N HIS A 279 -14.60 9.68 -33.04
CA HIS A 279 -14.19 9.04 -31.79
C HIS A 279 -14.52 9.82 -30.55
N GLY A 280 -15.46 10.77 -30.69
CA GLY A 280 -16.02 11.49 -29.56
C GLY A 280 -15.04 12.30 -28.72
N LEU A 281 -14.00 12.82 -29.36
CA LEU A 281 -13.05 13.72 -28.69
C LEU A 281 -13.54 15.15 -28.77
N ILE A 282 -14.26 15.44 -29.85
CA ILE A 282 -15.01 16.70 -30.00
C ILE A 282 -16.47 16.36 -30.27
N ASN A 283 -17.36 17.29 -29.96
CA ASN A 283 -18.81 17.14 -30.20
C ASN A 283 -19.40 15.88 -29.56
N PHE A 284 -19.14 15.73 -28.26
CA PHE A 284 -19.74 14.67 -27.46
C PHE A 284 -20.51 15.29 -26.30
N GLY A 285 -21.57 14.60 -25.87
CA GLY A 285 -22.39 15.07 -24.77
C GLY A 285 -23.60 15.86 -25.23
N ILE A 286 -23.87 16.97 -24.53
CA ILE A 286 -25.04 17.80 -24.79
C ILE A 286 -24.61 19.18 -25.30
N TYR A 287 -24.78 19.40 -26.59
CA TYR A 287 -24.36 20.64 -27.23
C TYR A 287 -25.39 21.11 -28.25
N LYS A 288 -25.44 22.41 -28.49
CA LYS A 288 -26.31 22.99 -29.51
C LYS A 288 -25.80 22.65 -30.90
N ARG A 289 -26.65 22.04 -31.70
CA ARG A 289 -26.29 21.60 -33.04
C ARG A 289 -26.54 22.71 -34.06
N ILE A 290 -25.51 23.04 -34.82
CA ILE A 290 -25.60 24.09 -35.85
C ILE A 290 -26.44 23.64 -37.04
N LYS A 291 -26.08 22.50 -37.64
CA LYS A 291 -26.81 21.93 -38.78
C LYS A 291 -27.82 20.90 -38.28
N PRO A 292 -29.12 21.26 -38.19
CA PRO A 292 -30.12 20.31 -37.70
C PRO A 292 -29.99 18.91 -38.31
N LEU A 293 -30.20 17.89 -37.48
CA LEU A 293 -29.95 16.48 -37.83
C LEU A 293 -30.41 16.05 -39.23
N PRO A 294 -29.56 15.26 -39.93
CA PRO A 294 -29.86 14.71 -41.25
C PRO A 294 -31.28 14.18 -41.40
N THR A 295 -31.88 14.42 -42.56
CA THR A 295 -33.28 14.09 -42.84
C THR A 295 -33.62 12.61 -42.64
N LYS A 296 -32.80 11.72 -43.18
CA LYS A 296 -33.04 10.29 -43.12
C LYS A 296 -31.91 9.54 -42.44
N LYS A 297 -32.28 8.52 -41.67
CA LYS A 297 -31.32 7.72 -40.91
C LYS A 297 -30.72 6.60 -41.76
N THR A 298 -29.59 6.08 -41.29
CA THR A 298 -28.89 4.99 -41.97
C THR A 298 -28.46 3.94 -40.96
N GLY A 299 -28.88 2.69 -41.17
CA GLY A 299 -28.58 1.62 -40.23
C GLY A 299 -29.41 1.68 -38.97
N LYS A 300 -29.53 0.55 -38.28
CA LYS A 300 -30.35 0.43 -37.08
C LYS A 300 -29.61 -0.32 -35.97
N VAL A 301 -29.51 0.33 -34.79
CA VAL A 301 -28.79 -0.21 -33.64
C VAL A 301 -29.67 -0.28 -32.39
N ILE A 302 -29.72 -1.47 -31.81
CA ILE A 302 -30.35 -1.67 -30.51
C ILE A 302 -29.27 -1.64 -29.43
N ILE A 303 -29.49 -0.80 -28.42
CA ILE A 303 -28.56 -0.67 -27.29
C ILE A 303 -29.19 -1.20 -26.01
N ILE A 304 -28.57 -2.24 -25.45
CA ILE A 304 -29.04 -2.82 -24.21
C ILE A 304 -28.50 -2.02 -23.02
N GLY A 305 -29.40 -1.59 -22.15
CA GLY A 305 -29.06 -0.73 -21.01
C GLY A 305 -28.98 0.74 -21.33
N SER A 306 -29.58 1.56 -20.49
CA SER A 306 -29.43 3.02 -20.57
C SER A 306 -28.68 3.58 -19.36
N GLY A 307 -27.62 2.87 -18.98
CA GLY A 307 -26.60 3.42 -18.07
C GLY A 307 -25.86 4.51 -18.82
N VAL A 308 -24.83 5.08 -18.20
CA VAL A 308 -24.10 6.17 -18.83
C VAL A 308 -23.40 5.70 -20.11
N SER A 309 -22.82 4.50 -20.07
CA SER A 309 -22.14 3.95 -21.25
C SER A 309 -23.09 3.84 -22.44
N GLY A 310 -24.27 3.28 -22.20
CA GLY A 310 -25.32 3.18 -23.21
C GLY A 310 -25.74 4.53 -23.75
N LEU A 311 -26.08 5.46 -22.85
CA LEU A 311 -26.52 6.79 -23.23
C LEU A 311 -25.46 7.52 -24.07
N ALA A 312 -24.20 7.45 -23.62
CA ALA A 312 -23.10 8.08 -24.34
C ALA A 312 -23.08 7.61 -25.80
N ALA A 313 -23.06 6.30 -26.00
CA ALA A 313 -23.04 5.69 -27.33
C ALA A 313 -24.26 6.10 -28.17
N ALA A 314 -25.44 5.97 -27.56
CA ALA A 314 -26.70 6.33 -28.19
C ALA A 314 -26.67 7.73 -28.80
N ARG A 315 -26.27 8.73 -28.01
CA ARG A 315 -26.17 10.10 -28.51
C ARG A 315 -25.27 10.17 -29.72
N GLN A 316 -24.08 9.58 -29.61
CA GLN A 316 -23.09 9.61 -30.67
C GLN A 316 -23.63 9.01 -31.97
N LEU A 317 -24.22 7.83 -31.87
CA LEU A 317 -24.77 7.14 -33.04
C LEU A 317 -25.88 7.94 -33.70
N GLN A 318 -26.78 8.48 -32.89
CA GLN A 318 -27.80 9.40 -33.37
C GLN A 318 -27.18 10.62 -34.06
N SER A 319 -26.12 11.16 -33.46
CA SER A 319 -25.39 12.29 -34.05
C SER A 319 -24.80 11.93 -35.40
N PHE A 320 -24.46 10.65 -35.59
CA PHE A 320 -23.92 10.18 -36.87
C PHE A 320 -25.05 9.84 -37.85
N GLY A 321 -26.29 9.96 -37.39
CA GLY A 321 -27.45 9.71 -38.23
C GLY A 321 -27.84 8.25 -38.34
N MET A 322 -27.74 7.52 -37.24
CA MET A 322 -28.20 6.14 -37.20
C MET A 322 -29.51 6.04 -36.44
N ASP A 323 -30.28 4.99 -36.70
CA ASP A 323 -31.48 4.73 -35.93
C ASP A 323 -31.09 3.97 -34.66
N VAL A 324 -31.41 4.55 -33.51
CA VAL A 324 -30.97 4.02 -32.22
C VAL A 324 -32.14 3.88 -31.24
N THR A 325 -32.22 2.71 -30.61
CA THR A 325 -33.19 2.48 -29.54
C THR A 325 -32.52 1.77 -28.37
N LEU A 326 -32.73 2.31 -27.17
CA LEU A 326 -32.17 1.75 -25.94
C LEU A 326 -33.21 0.97 -25.16
N LEU A 327 -32.86 -0.23 -24.72
CA LEU A 327 -33.74 -1.07 -23.93
C LEU A 327 -33.27 -1.13 -22.49
N GLU A 328 -34.07 -0.60 -21.59
CA GLU A 328 -33.73 -0.52 -20.18
C GLU A 328 -34.72 -1.34 -19.37
N ALA A 329 -34.20 -2.18 -18.48
CA ALA A 329 -35.03 -2.99 -17.60
C ALA A 329 -35.64 -2.15 -16.48
N ARG A 330 -34.90 -1.16 -16.00
CA ARG A 330 -35.36 -0.27 -14.93
C ARG A 330 -36.42 0.70 -15.43
N ASP A 331 -37.10 1.33 -14.47
CA ASP A 331 -38.09 2.38 -14.75
C ASP A 331 -37.44 3.78 -14.81
N ARG A 332 -36.12 3.81 -14.99
CA ARG A 332 -35.34 5.04 -15.04
C ARG A 332 -34.01 4.83 -15.77
N VAL A 333 -33.43 5.92 -16.25
CA VAL A 333 -32.11 5.89 -16.86
C VAL A 333 -31.01 5.95 -15.78
N GLY A 334 -29.76 5.79 -16.20
CA GLY A 334 -28.61 6.01 -15.32
C GLY A 334 -27.99 4.76 -14.74
N GLY A 335 -28.82 3.73 -14.56
CA GLY A 335 -28.35 2.44 -14.07
C GLY A 335 -27.66 2.55 -12.73
N ARG A 336 -26.34 2.39 -12.74
CA ARG A 336 -25.54 2.46 -11.51
C ARG A 336 -25.26 3.88 -11.04
N VAL A 337 -25.86 4.85 -11.74
CA VAL A 337 -25.89 6.23 -11.26
C VAL A 337 -27.29 6.46 -10.68
N ALA A 338 -27.47 5.99 -9.45
CA ALA A 338 -28.72 6.15 -8.73
C ALA A 338 -28.64 7.35 -7.79
N THR A 339 -29.71 8.12 -7.73
CA THR A 339 -29.79 9.31 -6.88
C THR A 339 -31.13 9.35 -6.15
N PHE A 340 -31.07 9.22 -4.83
CA PHE A 340 -32.26 9.31 -4.00
C PHE A 340 -32.71 10.76 -3.86
N ARG A 341 -34.01 10.99 -4.07
CA ARG A 341 -34.60 12.32 -3.93
C ARG A 341 -35.92 12.23 -3.18
N LYS A 342 -36.09 13.14 -2.23
CA LYS A 342 -37.31 13.23 -1.41
C LYS A 342 -37.30 14.59 -0.73
N GLY A 343 -38.25 15.44 -1.11
CA GLY A 343 -38.32 16.80 -0.60
C GLY A 343 -37.11 17.61 -1.01
N ASN A 344 -36.23 17.88 -0.05
CA ASN A 344 -35.00 18.61 -0.30
C ASN A 344 -33.78 17.71 -0.13
N TYR A 345 -34.02 16.48 0.33
CA TYR A 345 -32.96 15.50 0.51
C TYR A 345 -32.49 14.96 -0.84
N VAL A 346 -31.19 15.04 -1.09
CA VAL A 346 -30.57 14.55 -2.31
C VAL A 346 -29.30 13.77 -1.95
N ALA A 347 -29.30 12.47 -2.23
CA ALA A 347 -28.13 11.63 -1.96
C ALA A 347 -27.95 10.53 -3.01
N ASP A 348 -26.73 10.40 -3.52
CA ASP A 348 -26.41 9.36 -4.51
C ASP A 348 -26.18 8.00 -3.86
N LEU A 349 -26.90 7.01 -4.36
CA LEU A 349 -26.74 5.63 -3.89
C LEU A 349 -25.72 4.86 -4.72
N GLY A 350 -25.38 5.41 -5.88
CA GLY A 350 -24.37 4.84 -6.76
C GLY A 350 -23.17 5.77 -6.84
N ALA A 351 -22.76 6.08 -8.07
CA ALA A 351 -21.66 7.02 -8.29
C ALA A 351 -21.89 8.34 -7.57
N MET A 352 -20.83 8.85 -6.97
CA MET A 352 -20.91 9.99 -6.06
C MET A 352 -19.81 11.01 -6.32
N VAL A 353 -18.61 10.51 -6.63
CA VAL A 353 -17.42 11.33 -6.69
C VAL A 353 -16.91 11.48 -8.12
N VAL A 354 -16.51 12.69 -8.46
CA VAL A 354 -15.79 12.95 -9.71
C VAL A 354 -14.30 12.97 -9.37
N THR A 355 -13.55 12.00 -9.89
CA THR A 355 -12.16 11.79 -9.46
C THR A 355 -11.17 12.75 -10.14
N GLY A 356 -11.40 14.05 -9.99
CA GLY A 356 -10.51 15.07 -10.56
C GLY A 356 -10.92 15.46 -11.96
N LEU A 357 -10.60 16.70 -12.35
CA LEU A 357 -11.01 17.23 -13.66
C LEU A 357 -9.92 17.21 -14.73
N GLY A 358 -8.67 17.01 -14.30
CA GLY A 358 -7.52 17.05 -15.20
C GLY A 358 -7.48 15.91 -16.18
N GLY A 359 -8.13 16.11 -17.32
CA GLY A 359 -8.20 15.08 -18.36
C GLY A 359 -9.52 14.32 -18.32
N ASN A 360 -10.33 14.62 -17.31
CA ASN A 360 -11.61 13.97 -17.12
C ASN A 360 -12.64 14.49 -18.11
N PRO A 361 -13.21 13.60 -18.95
CA PRO A 361 -14.25 14.00 -19.88
C PRO A 361 -15.48 14.58 -19.18
N MET A 362 -15.65 14.25 -17.90
CA MET A 362 -16.77 14.76 -17.12
C MET A 362 -16.65 16.26 -16.85
N ALA A 363 -15.46 16.80 -17.02
CA ALA A 363 -15.23 18.24 -16.94
C ALA A 363 -15.99 18.94 -18.05
N VAL A 364 -15.95 18.35 -19.24
CA VAL A 364 -16.73 18.84 -20.38
C VAL A 364 -18.21 18.73 -20.07
N VAL A 365 -18.63 17.56 -19.61
CA VAL A 365 -20.03 17.30 -19.27
C VAL A 365 -20.55 18.34 -18.28
N SER A 366 -19.76 18.64 -17.26
CA SER A 366 -20.14 19.57 -16.20
C SER A 366 -20.35 21.01 -16.71
N LYS A 367 -19.62 21.38 -17.76
CA LYS A 367 -19.82 22.67 -18.40
C LYS A 367 -21.11 22.69 -19.22
N GLN A 368 -21.52 21.51 -19.71
CA GLN A 368 -22.73 21.38 -20.52
C GLN A 368 -23.97 21.22 -19.66
N VAL A 369 -23.85 20.54 -18.52
CA VAL A 369 -24.98 20.28 -17.63
C VAL A 369 -24.81 21.08 -16.34
N ASN A 370 -25.93 21.54 -15.79
CA ASN A 370 -25.94 22.23 -14.50
C ASN A 370 -25.54 21.27 -13.36
N MET A 371 -24.23 21.08 -13.21
CA MET A 371 -23.69 20.26 -12.14
C MET A 371 -23.06 21.16 -11.09
N GLU A 372 -23.55 21.02 -9.86
CA GLU A 372 -23.00 21.76 -8.74
C GLU A 372 -21.87 20.92 -8.14
N LEU A 373 -20.64 21.21 -8.55
CA LEU A 373 -19.48 20.44 -8.14
C LEU A 373 -18.77 21.05 -6.93
N ALA A 374 -18.91 20.40 -5.78
CA ALA A 374 -18.25 20.81 -4.55
C ALA A 374 -17.02 19.97 -4.31
N LYS A 375 -15.93 20.61 -3.88
CA LYS A 375 -14.68 19.92 -3.60
C LYS A 375 -14.76 19.13 -2.29
N ILE A 376 -14.00 18.05 -2.21
CA ILE A 376 -13.92 17.23 -1.00
C ILE A 376 -12.67 17.59 -0.22
N LYS A 377 -12.86 17.97 1.04
CA LYS A 377 -11.74 18.25 1.94
C LYS A 377 -11.18 16.92 2.45
N GLN A 378 -9.87 16.74 2.28
CA GLN A 378 -9.20 15.45 2.48
C GLN A 378 -9.14 14.94 3.92
N LYS A 379 -9.31 15.85 4.89
CA LYS A 379 -9.19 15.49 6.31
C LYS A 379 -10.29 14.54 6.75
N CYS A 380 -9.88 13.41 7.32
CA CYS A 380 -10.82 12.40 7.80
C CYS A 380 -10.44 11.89 9.19
N PRO A 381 -11.04 12.49 10.25
CA PRO A 381 -10.79 12.03 11.61
C PRO A 381 -11.39 10.66 11.89
N LEU A 382 -10.61 9.79 12.52
CA LEU A 382 -11.08 8.44 12.87
C LEU A 382 -11.58 8.38 14.31
N TYR A 383 -12.46 7.43 14.58
CA TYR A 383 -13.02 7.25 15.90
C TYR A 383 -13.14 5.77 16.21
N GLU A 384 -12.47 5.33 17.28
CA GLU A 384 -12.42 3.92 17.65
C GLU A 384 -13.76 3.39 18.14
N ALA A 385 -13.79 2.09 18.47
CA ALA A 385 -15.02 1.39 18.85
C ALA A 385 -15.81 2.08 19.96
N ASN A 386 -15.11 2.61 20.97
CA ASN A 386 -15.73 3.28 22.11
C ASN A 386 -16.34 4.64 21.78
N GLY A 387 -15.81 5.28 20.74
CA GLY A 387 -16.24 6.62 20.35
C GLY A 387 -15.15 7.65 20.54
N GLN A 388 -14.03 7.21 21.09
CA GLN A 388 -12.89 8.08 21.33
C GLN A 388 -12.07 8.30 20.06
N ALA A 389 -11.82 9.57 19.73
CA ALA A 389 -11.01 9.94 18.58
C ALA A 389 -9.59 9.39 18.67
N VAL A 390 -9.02 9.03 17.52
CA VAL A 390 -7.66 8.54 17.46
C VAL A 390 -6.69 9.71 17.56
N PRO A 391 -5.75 9.66 18.54
CA PRO A 391 -4.73 10.70 18.73
C PRO A 391 -3.84 10.86 17.51
N LYS A 392 -3.50 12.12 17.19
CA LYS A 392 -2.69 12.44 16.00
C LYS A 392 -1.35 11.69 15.93
N GLU A 393 -0.86 11.25 17.09
CA GLU A 393 0.34 10.44 17.17
C GLU A 393 0.12 9.10 16.48
N LYS A 394 -0.89 8.36 16.96
CA LYS A 394 -1.28 7.07 16.41
C LYS A 394 -1.70 7.19 14.95
N ASP A 395 -2.67 8.08 14.71
CA ASP A 395 -3.23 8.32 13.39
C ASP A 395 -2.15 8.37 12.32
N GLU A 396 -1.13 9.20 12.56
CA GLU A 396 -0.06 9.40 11.59
C GLU A 396 0.82 8.17 11.40
N MET A 397 1.08 7.44 12.48
CA MET A 397 1.99 6.29 12.42
C MET A 397 1.36 5.08 11.76
N VAL A 398 0.05 4.92 11.95
CA VAL A 398 -0.68 3.79 11.36
C VAL A 398 -0.87 4.01 9.87
N GLU A 399 -1.33 5.21 9.51
CA GLU A 399 -1.50 5.61 8.12
C GLU A 399 -0.20 5.42 7.36
N GLN A 400 0.89 5.92 7.94
CA GLN A 400 2.22 5.77 7.36
C GLN A 400 2.57 4.30 7.19
N GLU A 401 2.22 3.50 8.20
CA GLU A 401 2.50 2.07 8.18
C GLU A 401 1.68 1.38 7.09
N PHE A 402 0.43 1.80 6.93
CA PHE A 402 -0.44 1.30 5.87
C PHE A 402 0.18 1.50 4.49
N ASN A 403 0.46 2.76 4.15
CA ASN A 403 1.08 3.12 2.87
C ASN A 403 2.37 2.35 2.61
N ARG A 404 3.15 2.18 3.67
CA ARG A 404 4.42 1.46 3.61
C ARG A 404 4.23 -0.03 3.36
N LEU A 405 3.20 -0.60 3.98
CA LEU A 405 2.82 -1.99 3.74
C LEU A 405 2.37 -2.23 2.30
N LEU A 406 1.60 -1.27 1.75
CA LEU A 406 1.20 -1.31 0.36
C LEU A 406 2.39 -1.32 -0.58
N GLU A 407 3.27 -0.33 -0.43
CA GLU A 407 4.49 -0.25 -1.23
C GLU A 407 5.28 -1.56 -1.17
N ALA A 408 5.31 -2.17 0.02
CA ALA A 408 6.00 -3.43 0.24
C ALA A 408 5.43 -4.56 -0.63
N THR A 409 4.10 -4.61 -0.74
CA THR A 409 3.43 -5.62 -1.56
C THR A 409 3.77 -5.39 -3.03
N SER A 410 3.80 -4.12 -3.43
CA SER A 410 4.19 -3.73 -4.78
C SER A 410 5.63 -4.17 -5.06
N TYR A 411 6.49 -4.04 -4.05
CA TYR A 411 7.88 -4.48 -4.13
C TYR A 411 7.97 -6.01 -4.26
N LEU A 412 7.21 -6.72 -3.42
CA LEU A 412 7.09 -8.18 -3.50
C LEU A 412 6.74 -8.66 -4.89
N SER A 413 5.81 -7.94 -5.53
CA SER A 413 5.25 -8.35 -6.81
C SER A 413 6.22 -8.16 -7.96
N HIS A 414 6.78 -6.95 -8.06
CA HIS A 414 7.55 -6.58 -9.24
C HIS A 414 9.02 -6.84 -9.12
N GLN A 415 9.58 -6.57 -7.94
CA GLN A 415 11.02 -6.75 -7.71
C GLN A 415 11.37 -8.17 -7.27
N LEU A 416 10.60 -8.72 -6.33
CA LEU A 416 10.84 -10.07 -5.83
C LEU A 416 10.11 -11.16 -6.66
N ASP A 417 9.15 -10.73 -7.48
CA ASP A 417 8.34 -11.62 -8.32
C ASP A 417 7.58 -12.69 -7.51
N PHE A 418 6.95 -12.25 -6.43
CA PHE A 418 6.16 -13.13 -5.59
C PHE A 418 4.70 -13.14 -6.08
N ASN A 419 4.44 -13.96 -7.09
CA ASN A 419 3.14 -13.92 -7.78
C ASN A 419 2.39 -15.24 -7.90
N VAL A 420 3.09 -16.35 -7.68
CA VAL A 420 2.46 -17.67 -7.68
C VAL A 420 2.68 -18.35 -6.33
N LEU A 421 1.61 -18.89 -5.75
CA LEU A 421 1.68 -19.63 -4.49
C LEU A 421 0.76 -20.84 -4.53
N ASN A 422 1.37 -22.03 -4.63
CA ASN A 422 0.65 -23.31 -4.81
C ASN A 422 -0.14 -23.34 -6.12
N ASN A 423 0.50 -22.87 -7.19
CA ASN A 423 -0.11 -22.76 -8.52
C ASN A 423 -1.22 -21.71 -8.64
N LYS A 424 -1.74 -21.27 -7.49
CA LYS A 424 -2.75 -20.21 -7.45
C LYS A 424 -2.08 -18.83 -7.47
N PRO A 425 -2.71 -17.86 -8.16
CA PRO A 425 -2.20 -16.49 -8.18
C PRO A 425 -2.32 -15.81 -6.81
N VAL A 426 -1.27 -15.11 -6.41
CA VAL A 426 -1.23 -14.46 -5.10
C VAL A 426 -2.15 -13.25 -5.07
N SER A 427 -3.01 -13.20 -4.05
CA SER A 427 -3.89 -12.06 -3.84
C SER A 427 -3.17 -10.96 -3.07
N LEU A 428 -3.76 -9.76 -3.07
CA LEU A 428 -3.24 -8.64 -2.31
C LEU A 428 -3.36 -8.90 -0.82
N GLY A 429 -4.46 -9.54 -0.42
CA GLY A 429 -4.69 -9.95 0.96
C GLY A 429 -3.58 -10.86 1.48
N GLN A 430 -3.28 -11.92 0.72
CA GLN A 430 -2.17 -12.81 1.02
C GLN A 430 -0.87 -12.03 1.23
N ALA A 431 -0.54 -11.20 0.25
CA ALA A 431 0.70 -10.43 0.23
C ALA A 431 0.86 -9.53 1.45
N LEU A 432 -0.22 -8.85 1.83
CA LEU A 432 -0.20 -8.00 3.01
C LEU A 432 0.10 -8.79 4.29
N GLU A 433 -0.55 -9.94 4.44
CA GLU A 433 -0.30 -10.84 5.58
C GLU A 433 1.18 -11.23 5.61
N VAL A 434 1.67 -11.76 4.49
CA VAL A 434 3.08 -12.14 4.34
C VAL A 434 4.01 -10.99 4.74
N VAL A 435 3.73 -9.78 4.27
CA VAL A 435 4.53 -8.61 4.62
C VAL A 435 4.45 -8.32 6.13
N ILE A 436 3.24 -8.33 6.68
CA ILE A 436 3.04 -8.10 8.13
C ILE A 436 3.81 -9.10 8.96
N GLN A 437 3.73 -10.38 8.59
CA GLN A 437 4.46 -11.45 9.27
C GLN A 437 5.96 -11.23 9.25
N LEU A 438 6.50 -10.83 8.11
CA LEU A 438 7.92 -10.51 7.99
C LEU A 438 8.33 -9.29 8.81
N GLN A 439 7.37 -8.40 9.08
CA GLN A 439 7.62 -7.24 9.94
C GLN A 439 7.57 -7.63 11.40
N GLU A 440 6.78 -8.66 11.71
CA GLU A 440 6.73 -9.22 13.05
C GLU A 440 7.97 -10.07 13.32
N LYS A 441 8.36 -10.87 12.33
CA LYS A 441 9.56 -11.70 12.40
C LYS A 441 10.79 -10.85 12.70
N HIS A 442 10.89 -9.72 12.01
CA HIS A 442 12.00 -8.79 12.19
C HIS A 442 12.02 -8.19 13.56
N VAL A 443 10.84 -7.85 14.10
CA VAL A 443 10.73 -7.30 15.46
C VAL A 443 11.31 -8.27 16.49
N LYS A 444 10.96 -9.55 16.34
CA LYS A 444 11.49 -10.61 17.21
C LYS A 444 12.96 -10.89 16.94
N ASP A 445 13.37 -10.86 15.67
CA ASP A 445 14.79 -10.97 15.29
C ASP A 445 15.65 -9.90 15.96
N GLU A 446 15.12 -8.67 16.00
CA GLU A 446 15.81 -7.53 16.62
C GLU A 446 15.96 -7.73 18.12
N GLN A 447 14.87 -8.15 18.78
CA GLN A 447 14.90 -8.40 20.21
C GLN A 447 15.90 -9.50 20.58
N ILE A 448 15.90 -10.58 19.81
CA ILE A 448 16.79 -11.72 20.03
C ILE A 448 18.26 -11.30 20.05
N GLU A 449 18.74 -10.66 18.99
CA GLU A 449 20.15 -10.26 18.90
C GLU A 449 20.52 -9.10 19.84
N HIS A 450 19.51 -8.43 20.40
CA HIS A 450 19.73 -7.41 21.43
C HIS A 450 20.01 -8.01 22.77
N TRP A 451 19.20 -9.00 23.16
CA TRP A 451 19.45 -9.76 24.38
C TRP A 451 20.65 -10.64 24.24
N LYS A 452 20.91 -11.10 23.02
CA LYS A 452 22.08 -11.92 22.71
C LYS A 452 23.36 -11.11 22.88
N LYS A 453 23.25 -9.80 22.72
CA LYS A 453 24.33 -8.86 23.03
C LYS A 453 24.56 -8.78 24.53
N ILE A 454 23.47 -8.78 25.30
CA ILE A 454 23.54 -8.64 26.75
C ILE A 454 24.22 -9.85 27.42
N VAL A 455 23.81 -11.06 27.04
CA VAL A 455 24.39 -12.29 27.59
C VAL A 455 25.88 -12.46 27.25
N LYS A 456 26.31 -11.92 26.11
CA LYS A 456 27.72 -11.99 25.73
C LYS A 456 28.58 -11.11 26.63
N THR A 457 28.01 -9.98 27.04
CA THR A 457 28.69 -9.03 27.95
C THR A 457 28.53 -9.46 29.41
N GLN A 458 27.34 -9.94 29.76
CA GLN A 458 27.05 -10.44 31.10
C GLN A 458 27.91 -11.67 31.44
N GLU A 459 28.19 -12.49 30.43
CA GLU A 459 29.03 -13.68 30.59
C GLU A 459 30.52 -13.34 30.55
N GLU A 460 30.85 -12.22 29.92
CA GLU A 460 32.23 -11.71 29.92
C GLU A 460 32.54 -11.10 31.29
N LEU A 461 31.50 -10.54 31.92
CA LEU A 461 31.60 -9.97 33.26
C LEU A 461 31.71 -11.08 34.31
N LYS A 462 30.95 -12.15 34.10
CA LYS A 462 30.99 -13.33 34.98
C LYS A 462 32.41 -13.88 35.11
N GLU A 463 33.11 -13.98 33.98
CA GLU A 463 34.48 -14.49 33.97
C GLU A 463 35.47 -13.54 34.63
N LEU A 464 35.18 -12.24 34.57
CA LEU A 464 36.01 -11.23 35.22
C LEU A 464 35.81 -11.24 36.73
N LEU A 465 34.59 -11.50 37.18
CA LEU A 465 34.30 -11.58 38.61
C LEU A 465 34.95 -12.81 39.25
N ASN A 466 34.95 -13.93 38.53
CA ASN A 466 35.64 -15.15 38.97
C ASN A 466 37.14 -14.93 39.12
N LYS A 467 37.72 -14.17 38.18
CA LYS A 467 39.13 -13.82 38.23
C LYS A 467 39.40 -12.88 39.41
N MET A 468 38.47 -11.95 39.65
CA MET A 468 38.60 -11.00 40.75
C MET A 468 38.43 -11.63 42.13
N VAL A 469 37.51 -12.60 42.24
CA VAL A 469 37.30 -13.34 43.48
C VAL A 469 38.50 -14.23 43.81
N ASN A 470 39.02 -14.93 42.81
CA ASN A 470 40.21 -15.76 42.98
C ASN A 470 41.47 -14.96 43.30
N LEU A 471 41.49 -13.69 42.91
CA LEU A 471 42.61 -12.81 43.20
C LEU A 471 42.50 -12.21 44.60
N LYS A 472 41.29 -11.87 45.02
CA LYS A 472 41.07 -11.35 46.37
C LYS A 472 41.35 -12.42 47.40
N GLU A 473 41.12 -13.68 47.04
CA GLU A 473 41.43 -14.82 47.90
C GLU A 473 42.93 -14.93 48.12
N LYS A 474 43.71 -14.77 47.04
CA LYS A 474 45.16 -14.88 47.08
C LYS A 474 45.82 -13.65 47.70
N ILE A 475 45.15 -12.51 47.62
CA ILE A 475 45.60 -11.27 48.27
C ILE A 475 45.39 -11.37 49.79
N LYS A 476 44.23 -11.86 50.19
CA LYS A 476 43.89 -12.09 51.60
C LYS A 476 44.91 -13.03 52.26
N GLU A 477 45.34 -14.05 51.53
CA GLU A 477 46.32 -15.02 52.01
C GLU A 477 47.73 -14.45 52.06
N LEU A 478 48.12 -13.76 50.99
CA LEU A 478 49.46 -13.15 50.89
C LEU A 478 49.68 -12.02 51.90
N HIS A 479 48.61 -11.34 52.28
CA HIS A 479 48.69 -10.29 53.29
C HIS A 479 48.97 -10.88 54.64
N GLN A 480 48.34 -12.01 54.93
CA GLN A 480 48.59 -12.76 56.17
C GLN A 480 50.04 -13.20 56.25
N GLN A 481 50.59 -13.67 55.13
CA GLN A 481 51.98 -14.10 55.05
C GLN A 481 52.95 -12.96 55.31
N TYR A 482 52.74 -11.82 54.67
CA TYR A 482 53.54 -10.62 54.88
C TYR A 482 53.40 -10.11 56.31
N LYS A 483 52.18 -10.16 56.84
CA LYS A 483 51.91 -9.78 58.22
C LYS A 483 52.83 -10.57 59.16
N GLU A 484 52.79 -11.91 59.04
CA GLU A 484 53.60 -12.81 59.87
C GLU A 484 55.10 -12.63 59.69
N ALA A 485 55.51 -12.15 58.52
CA ALA A 485 56.92 -11.90 58.24
C ALA A 485 57.40 -10.64 58.97
N SER A 486 56.50 -9.69 59.17
CA SER A 486 56.81 -8.44 59.89
C SER A 486 56.78 -8.61 61.40
N GLU A 487 56.03 -9.61 61.87
CA GLU A 487 55.93 -9.92 63.32
C GLU A 487 57.28 -10.40 63.87
N VAL A 488 58.06 -11.09 63.04
CA VAL A 488 59.44 -11.45 63.36
C VAL A 488 60.23 -10.15 63.56
N LYS A 489 60.35 -9.75 64.83
CA LYS A 489 60.99 -8.49 65.19
C LYS A 489 62.48 -8.52 64.91
N PRO A 490 63.05 -7.38 64.46
CA PRO A 490 64.49 -7.27 64.25
C PRO A 490 65.26 -7.47 65.56
N PRO A 491 66.57 -7.79 65.46
CA PRO A 491 67.34 -7.91 64.23
C PRO A 491 67.16 -9.28 63.57
N ARG A 492 67.10 -9.30 62.25
CA ARG A 492 66.92 -10.54 61.50
C ARG A 492 67.95 -10.71 60.40
N ASP A 493 68.26 -11.96 60.06
CA ASP A 493 69.23 -12.23 59.00
C ASP A 493 68.64 -11.81 57.65
N ILE A 494 69.43 -11.95 56.58
CA ILE A 494 69.01 -11.42 55.29
C ILE A 494 67.86 -12.18 54.64
N THR A 495 67.80 -13.50 54.81
CA THR A 495 66.70 -14.29 54.26
C THR A 495 65.38 -13.92 54.91
N ALA A 496 65.40 -13.67 56.21
CA ALA A 496 64.22 -13.21 56.95
C ALA A 496 63.84 -11.79 56.55
N GLU A 497 64.83 -10.99 56.18
CA GLU A 497 64.61 -9.63 55.72
C GLU A 497 64.06 -9.64 54.29
N PHE A 498 64.63 -10.52 53.47
CA PHE A 498 64.21 -10.70 52.08
C PHE A 498 62.76 -11.14 51.98
N LEU A 499 62.34 -12.02 52.88
CA LEU A 499 60.97 -12.50 52.90
C LEU A 499 59.97 -11.34 53.05
N VAL A 500 60.21 -10.49 54.03
CA VAL A 500 59.37 -9.30 54.25
C VAL A 500 59.30 -8.46 52.96
N LYS A 501 60.46 -8.16 52.39
CA LYS A 501 60.57 -7.36 51.18
C LYS A 501 59.90 -8.04 49.98
N SER A 502 60.14 -9.34 49.83
CA SER A 502 59.58 -10.15 48.75
C SER A 502 58.05 -10.11 48.79
N LYS A 503 57.46 -10.52 49.92
CA LYS A 503 56.02 -10.53 50.07
C LYS A 503 55.41 -9.15 49.92
N HIS A 504 56.20 -8.11 50.17
CA HIS A 504 55.74 -6.72 49.99
C HIS A 504 55.58 -6.40 48.53
N ARG A 505 56.54 -6.84 47.71
CA ARG A 505 56.46 -6.66 46.28
C ARG A 505 55.36 -7.51 45.67
N ASP A 506 55.31 -8.78 46.08
CA ASP A 506 54.31 -9.72 45.58
C ASP A 506 52.89 -9.25 45.86
N LEU A 507 52.68 -8.59 47.00
CA LEU A 507 51.35 -8.13 47.38
C LEU A 507 50.91 -6.90 46.59
N THR A 508 51.82 -5.96 46.36
CA THR A 508 51.50 -4.76 45.58
C THR A 508 51.34 -5.05 44.10
N ALA A 509 52.04 -6.10 43.63
CA ALA A 509 51.88 -6.58 42.25
C ALA A 509 50.47 -7.16 42.02
N LEU A 510 49.98 -7.92 42.99
CA LEU A 510 48.62 -8.46 42.93
C LEU A 510 47.57 -7.39 43.22
N CYS A 511 47.97 -6.37 43.98
CA CYS A 511 47.10 -5.21 44.21
C CYS A 511 46.98 -4.35 42.96
N LYS A 512 48.02 -4.37 42.14
CA LYS A 512 48.02 -3.66 40.87
C LYS A 512 47.02 -4.29 39.90
N GLU A 513 47.10 -5.61 39.75
CA GLU A 513 46.20 -6.37 38.87
C GLU A 513 44.73 -6.18 39.21
N TYR A 514 44.39 -6.31 40.49
CA TYR A 514 43.01 -6.15 40.97
C TYR A 514 42.48 -4.75 40.71
N ASP A 515 43.36 -3.76 40.71
CA ASP A 515 42.98 -2.38 40.40
C ASP A 515 42.69 -2.19 38.92
N GLU A 516 43.44 -2.90 38.08
CA GLU A 516 43.22 -2.88 36.63
C GLU A 516 41.96 -3.65 36.25
N LEU A 517 41.63 -4.67 37.04
CA LEU A 517 40.44 -5.49 36.82
C LEU A 517 39.16 -4.82 37.34
N ALA A 518 39.30 -3.93 38.30
CA ALA A 518 38.18 -3.14 38.80
C ALA A 518 37.87 -2.01 37.81
N GLU A 519 38.89 -1.64 37.03
CA GLU A 519 38.75 -0.69 35.94
C GLU A 519 37.91 -1.29 34.82
N THR A 520 38.24 -2.53 34.42
CA THR A 520 37.49 -3.27 33.41
C THR A 520 36.06 -3.53 33.86
N GLN A 521 35.89 -3.85 35.14
CA GLN A 521 34.56 -4.07 35.72
C GLN A 521 33.69 -2.83 35.58
N GLY A 522 34.30 -1.66 35.77
CA GLY A 522 33.61 -0.38 35.62
C GLY A 522 33.15 -0.12 34.19
N LYS A 523 33.96 -0.53 33.23
CA LYS A 523 33.66 -0.36 31.80
C LYS A 523 32.51 -1.24 31.34
N LEU A 524 32.54 -2.52 31.72
CA LEU A 524 31.49 -3.47 31.34
C LEU A 524 30.19 -3.25 32.11
N GLU A 525 30.30 -2.74 33.34
CA GLU A 525 29.13 -2.54 34.20
C GLU A 525 28.22 -1.44 33.67
N GLU A 526 28.81 -0.45 33.00
CA GLU A 526 28.06 0.64 32.39
C GLU A 526 27.65 0.31 30.95
N LYS A 527 28.45 -0.51 30.28
CA LYS A 527 28.15 -0.98 28.94
C LYS A 527 26.88 -1.85 28.92
N LEU A 528 26.60 -2.50 30.04
CA LEU A 528 25.37 -3.27 30.22
C LEU A 528 24.18 -2.35 30.51
N GLN A 529 24.44 -1.26 31.23
CA GLN A 529 23.41 -0.25 31.48
C GLN A 529 23.15 0.59 30.22
N GLU A 530 24.10 0.54 29.28
CA GLU A 530 23.94 1.17 27.98
C GLU A 530 22.92 0.39 27.15
N LEU A 531 23.20 -0.90 26.93
CA LEU A 531 22.37 -1.75 26.07
C LEU A 531 20.97 -2.00 26.62
N GLU A 532 20.85 -2.04 27.95
CA GLU A 532 19.55 -2.26 28.59
C GLU A 532 18.70 -0.98 28.64
N ALA A 533 19.33 0.18 28.45
CA ALA A 533 18.64 1.47 28.51
C ALA A 533 17.80 1.74 27.26
N ASN A 534 18.25 1.24 26.11
CA ASN A 534 17.55 1.44 24.84
C ASN A 534 17.14 0.12 24.17
N PRO A 535 16.01 -0.48 24.62
CA PRO A 535 15.56 -1.72 24.00
C PRO A 535 14.84 -1.46 22.67
N PRO A 536 14.97 -2.40 21.71
CA PRO A 536 14.21 -2.31 20.46
C PRO A 536 12.70 -2.45 20.66
N SER A 537 11.94 -2.36 19.57
CA SER A 537 10.47 -2.42 19.61
C SER A 537 9.95 -3.63 20.38
N ASP A 538 9.03 -3.36 21.30
CA ASP A 538 8.35 -4.39 22.08
C ASP A 538 7.51 -5.28 21.17
N VAL A 539 6.62 -4.66 20.40
CA VAL A 539 5.77 -5.33 19.42
C VAL A 539 5.87 -4.60 18.07
N TYR A 540 5.38 -5.23 17.00
CA TYR A 540 5.25 -4.55 15.71
C TYR A 540 4.02 -3.63 15.70
N LEU A 541 2.87 -4.20 16.07
CA LEU A 541 1.63 -3.44 16.22
C LEU A 541 0.77 -4.07 17.32
N SER A 542 0.13 -3.23 18.12
CA SER A 542 -0.71 -3.70 19.21
C SER A 542 -2.12 -3.99 18.72
N SER A 543 -2.96 -4.57 19.58
CA SER A 543 -4.35 -4.85 19.27
C SER A 543 -5.11 -3.59 18.87
N ARG A 544 -4.79 -2.48 19.54
CA ARG A 544 -5.37 -1.18 19.22
C ARG A 544 -4.87 -0.69 17.87
N ASP A 545 -3.58 -0.88 17.59
CA ASP A 545 -2.98 -0.50 16.32
C ASP A 545 -3.59 -1.26 15.15
N ARG A 546 -3.55 -2.59 15.24
CA ARG A 546 -4.04 -3.49 14.20
C ARG A 546 -5.50 -3.19 13.82
N GLN A 547 -6.29 -2.73 14.78
CA GLN A 547 -7.66 -2.30 14.54
C GLN A 547 -7.74 -1.04 13.66
N ILE A 548 -6.90 -0.06 13.95
CA ILE A 548 -6.85 1.18 13.16
C ILE A 548 -6.28 0.92 11.76
N LEU A 549 -5.36 -0.03 11.66
CA LEU A 549 -4.83 -0.47 10.37
C LEU A 549 -5.91 -1.17 9.55
N ASP A 550 -6.80 -1.88 10.24
CA ASP A 550 -7.90 -2.58 9.58
C ASP A 550 -8.87 -1.62 8.93
N TRP A 551 -9.04 -0.44 9.52
CA TRP A 551 -9.85 0.61 8.91
C TRP A 551 -9.25 1.03 7.60
N HIS A 552 -7.93 1.14 7.57
CA HIS A 552 -7.22 1.49 6.34
C HIS A 552 -7.39 0.44 5.28
N PHE A 553 -7.43 -0.83 5.69
CA PHE A 553 -7.71 -1.91 4.76
C PHE A 553 -9.14 -1.85 4.26
N ALA A 554 -10.05 -1.41 5.13
CA ALA A 554 -11.46 -1.23 4.75
C ALA A 554 -11.58 -0.14 3.69
N ASN A 555 -10.79 0.92 3.84
CA ASN A 555 -10.72 1.97 2.83
C ASN A 555 -10.33 1.37 1.49
N LEU A 556 -9.30 0.54 1.48
CA LEU A 556 -8.86 -0.16 0.28
C LEU A 556 -9.92 -1.15 -0.24
N GLU A 557 -10.62 -1.79 0.68
CA GLU A 557 -11.68 -2.74 0.31
C GLU A 557 -12.90 -2.02 -0.25
N PHE A 558 -13.09 -0.78 0.17
CA PHE A 558 -14.12 0.09 -0.38
C PHE A 558 -13.73 0.56 -1.78
N ALA A 559 -12.48 1.02 -1.92
CA ALA A 559 -11.97 1.56 -3.18
C ALA A 559 -12.02 0.53 -4.31
N ASN A 560 -11.83 -0.73 -3.97
CA ASN A 560 -11.87 -1.81 -4.94
C ASN A 560 -13.16 -2.59 -4.90
N ALA A 561 -14.04 -2.21 -3.98
CA ALA A 561 -15.33 -2.87 -3.78
C ALA A 561 -15.20 -4.38 -3.55
N THR A 562 -14.21 -4.79 -2.78
CA THR A 562 -13.96 -6.22 -2.56
C THR A 562 -12.93 -6.52 -1.46
N PRO A 563 -13.12 -7.66 -0.75
CA PRO A 563 -12.10 -8.30 0.08
C PRO A 563 -10.75 -8.40 -0.62
N LEU A 564 -9.70 -7.93 0.06
CA LEU A 564 -8.36 -7.89 -0.49
C LEU A 564 -7.84 -9.29 -0.87
N SER A 565 -8.51 -10.31 -0.37
CA SER A 565 -8.19 -11.69 -0.66
C SER A 565 -8.57 -12.09 -2.08
N THR A 566 -9.36 -11.24 -2.74
CA THR A 566 -9.83 -11.49 -4.11
C THR A 566 -9.04 -10.71 -5.16
N LEU A 567 -8.47 -9.57 -4.76
CA LEU A 567 -7.72 -8.69 -5.68
C LEU A 567 -6.43 -9.32 -6.19
N SER A 568 -6.07 -8.99 -7.41
CA SER A 568 -4.80 -9.43 -7.98
C SER A 568 -3.66 -8.61 -7.39
N LEU A 569 -2.63 -9.29 -6.88
CA LEU A 569 -1.46 -8.58 -6.37
C LEU A 569 -0.78 -7.80 -7.49
N LYS A 570 -0.50 -8.47 -8.60
CA LYS A 570 0.25 -7.86 -9.68
C LYS A 570 -0.50 -6.74 -10.39
N HIS A 571 -1.83 -6.82 -10.42
CA HIS A 571 -2.63 -5.99 -11.33
C HIS A 571 -3.71 -5.14 -10.74
N TRP A 572 -4.03 -5.33 -9.46
CA TRP A 572 -5.17 -4.62 -8.87
C TRP A 572 -5.17 -3.15 -9.14
N ASP A 573 -3.98 -2.58 -9.36
CA ASP A 573 -3.82 -1.14 -9.54
C ASP A 573 -3.31 -0.79 -10.93
N GLN A 574 -3.55 -1.67 -11.90
CA GLN A 574 -2.99 -1.50 -13.25
C GLN A 574 -3.40 -0.22 -13.99
N ASP A 575 -4.44 0.46 -13.50
CA ASP A 575 -4.90 1.70 -14.14
C ASP A 575 -4.36 2.97 -13.49
N ASP A 576 -3.34 2.84 -12.66
CA ASP A 576 -2.76 3.96 -11.90
C ASP A 576 -2.28 5.11 -12.76
N ASP A 577 -1.64 4.79 -13.89
CA ASP A 577 -1.06 5.78 -14.79
C ASP A 577 -2.06 6.80 -15.31
N PHE A 578 -3.34 6.46 -15.27
CA PHE A 578 -4.34 7.21 -15.99
C PHE A 578 -5.29 7.99 -15.07
N GLU A 579 -4.94 8.02 -13.78
CA GLU A 579 -5.63 8.85 -12.78
C GLU A 579 -5.65 10.31 -13.23
N PHE A 580 -6.72 11.02 -12.91
CA PHE A 580 -6.82 12.44 -13.26
C PHE A 580 -6.15 13.33 -12.21
N THR A 581 -5.84 14.56 -12.60
CA THR A 581 -5.25 15.53 -11.69
C THR A 581 -6.30 16.51 -11.19
N GLY A 582 -6.11 17.00 -9.97
CA GLY A 582 -7.05 17.92 -9.34
C GLY A 582 -7.78 17.23 -8.22
N SER A 583 -8.38 18.02 -7.33
CA SER A 583 -9.05 17.47 -6.17
C SER A 583 -10.38 16.84 -6.56
N HIS A 584 -10.75 15.76 -5.86
CA HIS A 584 -12.00 15.05 -6.07
C HIS A 584 -13.17 15.93 -5.72
N LEU A 585 -14.27 15.77 -6.45
CA LEU A 585 -15.48 16.57 -6.23
C LEU A 585 -16.70 15.69 -6.08
N THR A 586 -17.78 16.27 -5.58
CA THR A 586 -19.08 15.58 -5.52
C THR A 586 -20.14 16.39 -6.24
N VAL A 587 -21.15 15.68 -6.74
CA VAL A 587 -22.27 16.35 -7.40
C VAL A 587 -23.29 16.69 -6.33
N ARG A 588 -23.36 17.97 -6.00
CA ARG A 588 -24.16 18.45 -4.88
C ARG A 588 -25.65 18.41 -5.17
N ASN A 589 -26.01 18.54 -6.45
CA ASN A 589 -27.40 18.44 -6.89
C ASN A 589 -27.81 17.01 -7.28
N GLY A 590 -26.93 16.04 -7.04
CA GLY A 590 -27.19 14.64 -7.36
C GLY A 590 -26.69 14.26 -8.74
N TYR A 591 -26.07 13.10 -8.85
CA TYR A 591 -25.41 12.66 -10.09
C TYR A 591 -26.39 12.36 -11.23
N SER A 592 -27.60 11.90 -10.90
CA SER A 592 -28.58 11.48 -11.90
C SER A 592 -28.87 12.57 -12.94
N CYS A 593 -28.68 13.82 -12.52
CA CYS A 593 -28.83 14.97 -13.42
C CYS A 593 -28.09 14.76 -14.75
N VAL A 594 -27.01 13.98 -14.73
CA VAL A 594 -26.18 13.72 -15.92
C VAL A 594 -26.83 12.70 -16.88
N PRO A 595 -27.13 11.48 -16.40
CA PRO A 595 -27.84 10.53 -17.24
C PRO A 595 -29.11 11.13 -17.82
N VAL A 596 -29.93 11.73 -16.96
CA VAL A 596 -31.19 12.34 -17.36
C VAL A 596 -30.98 13.35 -18.49
N ALA A 597 -30.00 14.23 -18.33
CA ALA A 597 -29.68 15.20 -19.38
C ALA A 597 -29.23 14.53 -20.68
N LEU A 598 -28.48 13.43 -20.56
CA LEU A 598 -28.02 12.68 -21.74
C LEU A 598 -29.18 11.96 -22.44
N ALA A 599 -30.18 11.59 -21.65
CA ALA A 599 -31.34 10.84 -22.15
C ALA A 599 -32.29 11.67 -23.02
N GLU A 600 -32.13 13.00 -22.98
CA GLU A 600 -33.02 13.91 -23.69
C GLU A 600 -32.88 13.76 -25.20
N GLY A 601 -34.01 13.51 -25.86
CA GLY A 601 -34.07 13.35 -27.31
C GLY A 601 -33.66 11.98 -27.79
N LEU A 602 -33.84 10.97 -26.93
CA LEU A 602 -33.42 9.60 -27.26
C LEU A 602 -34.55 8.59 -27.10
N ASP A 603 -34.57 7.62 -27.99
CA ASP A 603 -35.60 6.57 -27.97
C ASP A 603 -35.28 5.52 -26.91
N ILE A 604 -35.87 5.68 -25.73
CA ILE A 604 -35.57 4.81 -24.60
C ILE A 604 -36.80 4.05 -24.15
N LYS A 605 -36.75 2.73 -24.26
CA LYS A 605 -37.86 1.87 -23.82
C LYS A 605 -37.59 1.38 -22.41
N LEU A 606 -38.21 2.04 -21.42
CA LEU A 606 -38.05 1.63 -20.03
C LEU A 606 -38.87 0.39 -19.74
N ASN A 607 -38.60 -0.27 -18.61
CA ASN A 607 -39.32 -1.48 -18.18
C ASN A 607 -39.27 -2.61 -19.22
N THR A 608 -38.13 -2.72 -19.90
CA THR A 608 -37.97 -3.65 -21.02
C THR A 608 -36.73 -4.51 -20.76
N ALA A 609 -36.95 -5.71 -20.25
CA ALA A 609 -35.86 -6.59 -19.84
C ALA A 609 -35.44 -7.56 -20.94
N VAL A 610 -34.27 -7.33 -21.53
CA VAL A 610 -33.73 -8.22 -22.55
C VAL A 610 -33.56 -9.64 -22.02
N ARG A 611 -34.08 -10.62 -22.76
CA ARG A 611 -34.01 -12.01 -22.36
C ARG A 611 -33.07 -12.81 -23.26
N GLN A 612 -33.03 -12.44 -24.54
CA GLN A 612 -32.25 -13.17 -25.50
C GLN A 612 -31.66 -12.25 -26.58
N VAL A 613 -30.40 -12.48 -26.91
CA VAL A 613 -29.75 -11.78 -28.01
C VAL A 613 -29.41 -12.79 -29.09
N ARG A 614 -29.97 -12.57 -30.28
CA ARG A 614 -29.77 -13.42 -31.44
C ARG A 614 -29.07 -12.60 -32.51
N TYR A 615 -27.94 -13.11 -32.99
CA TYR A 615 -27.12 -12.42 -33.99
C TYR A 615 -26.65 -13.39 -35.07
N THR A 616 -26.80 -12.96 -36.33
CA THR A 616 -26.40 -13.77 -37.48
C THR A 616 -25.78 -12.89 -38.56
N ALA A 617 -25.23 -13.53 -39.59
CA ALA A 617 -24.55 -12.85 -40.69
C ALA A 617 -25.40 -11.77 -41.36
N SER A 618 -26.72 -11.97 -41.35
CA SER A 618 -27.65 -11.04 -41.99
C SER A 618 -28.20 -9.98 -41.04
N GLY A 619 -28.01 -10.21 -39.74
CA GLY A 619 -28.45 -9.25 -38.73
C GLY A 619 -28.79 -9.83 -37.38
N CYS A 620 -29.46 -9.01 -36.56
CA CYS A 620 -29.72 -9.35 -35.17
C CYS A 620 -31.17 -9.12 -34.81
N GLU A 621 -31.66 -9.97 -33.90
CA GLU A 621 -32.91 -9.72 -33.22
C GLU A 621 -32.74 -9.86 -31.70
N VAL A 622 -33.32 -8.92 -30.97
CA VAL A 622 -33.25 -8.91 -29.52
C VAL A 622 -34.65 -9.16 -28.97
N ILE A 623 -34.76 -10.20 -28.14
CA ILE A 623 -36.02 -10.54 -27.50
C ILE A 623 -36.04 -9.99 -26.06
N ALA A 624 -37.05 -9.17 -25.79
CA ALA A 624 -37.22 -8.56 -24.46
C ALA A 624 -38.66 -8.73 -23.97
N VAL A 625 -38.87 -8.52 -22.67
CA VAL A 625 -40.20 -8.59 -22.08
C VAL A 625 -40.49 -7.33 -21.26
N ASN A 626 -41.76 -7.15 -20.90
CA ASN A 626 -42.16 -6.07 -19.99
C ASN A 626 -41.99 -6.52 -18.56
N THR A 627 -41.25 -5.73 -17.78
CA THR A 627 -40.89 -6.11 -16.41
C THR A 627 -42.10 -6.23 -15.50
N ARG A 628 -43.18 -5.53 -15.84
CA ARG A 628 -44.41 -5.54 -15.05
C ARG A 628 -45.26 -6.79 -15.33
N SER A 629 -45.65 -7.01 -16.59
CA SER A 629 -46.28 -8.27 -17.01
C SER A 629 -45.29 -9.05 -17.88
N THR A 630 -44.64 -10.04 -17.27
CA THR A 630 -43.46 -10.70 -17.85
C THR A 630 -43.76 -11.66 -19.01
N SER A 631 -45.02 -11.72 -19.42
CA SER A 631 -45.43 -12.55 -20.55
C SER A 631 -45.60 -11.74 -21.84
N GLN A 632 -45.67 -10.41 -21.68
CA GLN A 632 -45.79 -9.48 -22.79
C GLN A 632 -44.44 -9.31 -23.50
N THR A 633 -44.28 -10.01 -24.63
CA THR A 633 -42.99 -10.17 -25.32
C THR A 633 -42.74 -9.18 -26.46
N PHE A 634 -41.47 -8.81 -26.64
CA PHE A 634 -41.06 -7.87 -27.68
C PHE A 634 -39.92 -8.41 -28.54
N ILE A 635 -39.91 -8.02 -29.82
CA ILE A 635 -38.87 -8.41 -30.76
C ILE A 635 -38.29 -7.18 -31.45
N TYR A 636 -36.97 -7.08 -31.44
CA TYR A 636 -36.27 -5.95 -32.04
C TYR A 636 -35.25 -6.41 -33.08
N LYS A 637 -35.48 -6.03 -34.32
CA LYS A 637 -34.59 -6.38 -35.43
C LYS A 637 -33.65 -5.21 -35.66
N CYS A 638 -32.37 -5.50 -35.85
CA CYS A 638 -31.35 -4.47 -36.03
C CYS A 638 -30.10 -4.98 -36.75
N ASP A 639 -29.35 -4.03 -37.31
CA ASP A 639 -28.06 -4.32 -37.95
C ASP A 639 -27.00 -4.75 -36.94
N ALA A 640 -27.04 -4.15 -35.75
CA ALA A 640 -26.04 -4.41 -34.70
C ALA A 640 -26.61 -4.18 -33.30
N VAL A 641 -26.12 -4.95 -32.34
CA VAL A 641 -26.47 -4.80 -30.93
C VAL A 641 -25.26 -4.32 -30.12
N LEU A 642 -25.48 -3.26 -29.34
CA LEU A 642 -24.48 -2.82 -28.37
C LEU A 642 -24.92 -3.22 -26.98
N CYS A 643 -24.14 -4.14 -26.39
CA CYS A 643 -24.43 -4.67 -25.08
C CYS A 643 -23.71 -3.87 -24.00
N THR A 644 -24.47 -3.22 -23.12
CA THR A 644 -23.86 -2.49 -22.01
C THR A 644 -24.26 -3.10 -20.65
N LEU A 645 -24.65 -4.37 -20.68
CA LEU A 645 -24.97 -5.12 -19.47
C LEU A 645 -23.81 -5.09 -18.49
N PRO A 646 -24.11 -4.90 -17.19
CA PRO A 646 -23.10 -4.98 -16.14
C PRO A 646 -22.44 -6.37 -16.11
N LEU A 647 -21.20 -6.41 -15.63
CA LEU A 647 -20.45 -7.67 -15.60
C LEU A 647 -21.10 -8.68 -14.67
N GLY A 648 -21.70 -8.18 -13.58
CA GLY A 648 -22.46 -9.02 -12.67
C GLY A 648 -23.63 -9.71 -13.36
N VAL A 649 -24.26 -8.99 -14.28
CA VAL A 649 -25.35 -9.54 -15.09
C VAL A 649 -24.80 -10.61 -16.02
N LEU A 650 -23.78 -10.26 -16.79
CA LEU A 650 -23.13 -11.19 -17.71
C LEU A 650 -22.63 -12.45 -17.00
N LYS A 651 -22.33 -12.31 -15.71
CA LYS A 651 -21.81 -13.40 -14.91
C LYS A 651 -22.87 -14.41 -14.49
N GLN A 652 -24.13 -13.96 -14.37
CA GLN A 652 -25.22 -14.78 -13.83
C GLN A 652 -25.22 -16.23 -14.28
N GLN A 653 -25.39 -17.13 -13.31
CA GLN A 653 -25.55 -18.54 -13.60
C GLN A 653 -26.69 -19.11 -12.75
N PRO A 654 -27.80 -19.54 -13.41
CA PRO A 654 -28.05 -19.59 -14.86
C PRO A 654 -28.29 -18.20 -15.48
N PRO A 655 -27.97 -18.03 -16.78
CA PRO A 655 -27.99 -16.72 -17.46
C PRO A 655 -29.31 -15.98 -17.33
N ALA A 656 -29.24 -14.68 -17.11
CA ALA A 656 -30.41 -13.81 -17.20
C ALA A 656 -30.64 -13.41 -18.64
N VAL A 657 -29.56 -13.41 -19.43
CA VAL A 657 -29.63 -13.12 -20.86
C VAL A 657 -28.94 -14.22 -21.64
N GLN A 658 -29.67 -14.78 -22.61
CA GLN A 658 -29.17 -15.86 -23.44
C GLN A 658 -28.66 -15.33 -24.76
N PHE A 659 -27.48 -15.77 -25.15
CA PHE A 659 -26.90 -15.39 -26.44
C PHE A 659 -27.03 -16.53 -27.44
N VAL A 660 -27.56 -16.21 -28.61
CA VAL A 660 -27.74 -17.18 -29.69
C VAL A 660 -27.08 -16.66 -30.96
N PRO A 661 -25.97 -17.32 -31.39
CA PRO A 661 -25.33 -18.47 -30.75
C PRO A 661 -24.57 -18.09 -29.46
N PRO A 662 -24.17 -19.09 -28.63
CA PRO A 662 -23.49 -18.75 -27.39
C PRO A 662 -22.22 -17.93 -27.62
N LEU A 663 -21.88 -17.09 -26.64
CA LEU A 663 -20.64 -16.32 -26.70
C LEU A 663 -19.45 -17.26 -26.74
N PRO A 664 -18.43 -16.91 -27.55
CA PRO A 664 -17.26 -17.78 -27.72
C PRO A 664 -16.49 -17.98 -26.42
N GLU A 665 -15.86 -19.15 -26.30
CA GLU A 665 -15.05 -19.52 -25.13
C GLU A 665 -14.19 -18.38 -24.58
N TRP A 666 -13.48 -17.68 -25.47
CA TRP A 666 -12.58 -16.59 -25.04
C TRP A 666 -13.28 -15.47 -24.33
N LYS A 667 -14.53 -15.21 -24.70
CA LYS A 667 -15.30 -14.15 -24.07
C LYS A 667 -15.81 -14.57 -22.69
N THR A 668 -16.39 -15.78 -22.61
CA THR A 668 -16.99 -16.26 -21.37
C THR A 668 -15.95 -16.51 -20.30
N SER A 669 -14.78 -16.99 -20.71
CA SER A 669 -13.64 -17.20 -19.81
C SER A 669 -13.21 -15.89 -19.18
N ALA A 670 -13.18 -14.83 -19.99
CA ALA A 670 -12.89 -13.47 -19.51
C ALA A 670 -13.91 -13.04 -18.47
N VAL A 671 -15.18 -13.31 -18.76
CA VAL A 671 -16.28 -12.96 -17.85
C VAL A 671 -16.14 -13.65 -16.50
N GLN A 672 -15.83 -14.95 -16.52
CA GLN A 672 -15.61 -15.71 -15.31
C GLN A 672 -14.39 -15.25 -14.53
N ARG A 673 -13.28 -15.03 -15.24
CA ARG A 673 -12.01 -14.61 -14.64
C ARG A 673 -12.13 -13.28 -13.92
N MET A 674 -12.70 -12.30 -14.61
CA MET A 674 -12.85 -10.94 -14.08
C MET A 674 -13.62 -10.90 -12.76
N GLY A 675 -13.37 -9.85 -11.98
CA GLY A 675 -14.01 -9.72 -10.69
C GLY A 675 -15.06 -8.63 -10.71
N PHE A 676 -16.20 -8.91 -10.07
CA PHE A 676 -17.26 -7.91 -9.95
C PHE A 676 -17.61 -7.70 -8.49
N GLY A 677 -17.22 -6.54 -7.97
CA GLY A 677 -17.31 -6.26 -6.56
C GLY A 677 -18.68 -5.84 -6.05
N ASN A 678 -18.69 -5.38 -4.80
CA ASN A 678 -19.89 -5.00 -4.06
C ASN A 678 -19.53 -3.90 -3.06
N LEU A 679 -20.39 -2.90 -2.96
CA LEU A 679 -20.20 -1.77 -2.04
C LEU A 679 -21.55 -1.12 -1.81
N ASN A 680 -21.93 -0.96 -0.54
CA ASN A 680 -23.24 -0.39 -0.23
C ASN A 680 -23.24 0.93 0.54
N LYS A 681 -24.34 1.66 0.42
CA LYS A 681 -24.47 2.98 1.06
C LYS A 681 -25.72 3.06 1.94
N VAL A 682 -25.58 3.72 3.09
CA VAL A 682 -26.71 3.96 3.98
C VAL A 682 -26.93 5.48 4.08
N VAL A 683 -28.11 5.91 3.66
CA VAL A 683 -28.44 7.33 3.63
C VAL A 683 -29.21 7.73 4.87
N LEU A 684 -28.63 8.65 5.65
CA LEU A 684 -29.25 9.13 6.89
C LEU A 684 -29.62 10.61 6.76
N CYS A 685 -30.91 10.88 6.81
CA CYS A 685 -31.42 12.25 6.67
C CYS A 685 -31.94 12.77 8.01
N PHE A 686 -31.38 13.88 8.46
CA PHE A 686 -31.76 14.48 9.74
C PHE A 686 -32.36 15.87 9.58
N ASP A 687 -32.92 16.38 10.68
CA ASP A 687 -33.52 17.72 10.72
C ASP A 687 -32.48 18.79 11.07
N ARG A 688 -31.32 18.36 11.57
CA ARG A 688 -30.27 19.27 12.02
C ARG A 688 -28.86 18.67 11.91
N VAL A 689 -27.87 19.53 11.64
CA VAL A 689 -26.47 19.15 11.58
C VAL A 689 -25.88 19.03 12.98
N PHE A 690 -25.45 17.83 13.36
CA PHE A 690 -24.83 17.60 14.67
C PHE A 690 -23.35 17.19 14.57
N TRP A 691 -22.82 17.23 13.36
CA TRP A 691 -21.42 16.90 13.09
C TRP A 691 -20.64 18.13 12.74
N ASP A 692 -19.33 17.98 12.60
CA ASP A 692 -18.47 19.09 12.20
C ASP A 692 -18.76 19.50 10.75
N PRO A 693 -19.40 20.66 10.56
CA PRO A 693 -19.85 21.11 9.24
C PRO A 693 -18.71 21.39 8.26
N SER A 694 -17.50 21.54 8.77
CA SER A 694 -16.32 21.77 7.93
C SER A 694 -15.60 20.47 7.61
N VAL A 695 -16.03 19.37 8.23
CA VAL A 695 -15.51 18.04 7.94
C VAL A 695 -16.42 17.35 6.93
N ASN A 696 -15.82 16.87 5.84
CA ASN A 696 -16.56 16.17 4.78
C ASN A 696 -16.75 14.69 5.05
N LEU A 697 -15.79 14.09 5.72
CA LEU A 697 -15.82 12.65 5.99
C LEU A 697 -15.06 12.24 7.24
N PHE A 698 -15.66 11.34 8.01
CA PHE A 698 -15.03 10.81 9.22
C PHE A 698 -15.22 9.30 9.32
N GLY A 699 -14.17 8.62 9.76
CA GLY A 699 -14.19 7.16 9.86
C GLY A 699 -14.73 6.61 11.15
N HIS A 700 -14.88 5.29 11.19
CA HIS A 700 -15.20 4.55 12.41
C HIS A 700 -14.47 3.25 12.39
N VAL A 701 -13.75 2.97 13.48
CA VAL A 701 -12.94 1.75 13.58
C VAL A 701 -13.77 0.60 14.16
N GLY A 702 -13.85 -0.50 13.42
CA GLY A 702 -14.60 -1.67 13.86
C GLY A 702 -13.89 -2.46 14.93
N SER A 703 -14.62 -3.38 15.56
CA SER A 703 -14.08 -4.21 16.64
C SER A 703 -13.07 -5.24 16.13
N THR A 704 -13.44 -5.96 15.08
CA THR A 704 -12.61 -7.04 14.57
C THR A 704 -12.22 -6.78 13.12
N THR A 705 -11.34 -7.64 12.60
CA THR A 705 -10.99 -7.67 11.18
C THR A 705 -12.23 -8.02 10.36
N ALA A 706 -13.02 -8.97 10.87
CA ALA A 706 -14.21 -9.46 10.19
C ALA A 706 -15.22 -8.37 9.86
N SER A 707 -15.30 -7.36 10.72
CA SER A 707 -16.32 -6.32 10.57
C SER A 707 -15.72 -4.95 10.20
N ARG A 708 -14.50 -4.95 9.68
CA ARG A 708 -13.81 -3.68 9.40
C ARG A 708 -14.52 -2.80 8.38
N GLY A 709 -15.22 -3.42 7.43
CA GLY A 709 -15.93 -2.68 6.40
C GLY A 709 -17.27 -2.12 6.86
N GLU A 710 -17.84 -2.73 7.89
CA GLU A 710 -19.18 -2.39 8.35
C GLU A 710 -19.30 -0.97 8.90
N LEU A 711 -19.92 -0.09 8.11
CA LEU A 711 -20.20 1.29 8.50
C LEU A 711 -18.94 2.07 8.91
N PHE A 712 -17.85 1.80 8.19
CA PHE A 712 -16.53 2.31 8.53
C PHE A 712 -16.28 3.76 8.10
N LEU A 713 -17.14 4.29 7.23
CA LEU A 713 -16.95 5.65 6.71
C LEU A 713 -18.26 6.42 6.60
N PHE A 714 -18.21 7.73 6.89
CA PHE A 714 -19.38 8.60 6.82
C PHE A 714 -19.12 9.84 5.99
N TRP A 715 -20.08 10.22 5.14
CA TRP A 715 -19.93 11.38 4.26
C TRP A 715 -20.89 12.49 4.58
N ASN A 716 -20.35 13.69 4.74
CA ASN A 716 -21.14 14.92 4.79
C ASN A 716 -20.78 15.75 3.57
N LEU A 717 -21.68 15.78 2.59
CA LEU A 717 -21.38 16.38 1.29
C LEU A 717 -22.43 17.36 0.81
N TYR A 718 -23.67 17.15 1.24
CA TYR A 718 -24.82 17.85 0.65
C TYR A 718 -25.27 19.06 1.48
N LYS A 719 -26.07 19.91 0.85
CA LYS A 719 -26.62 21.13 1.47
C LYS A 719 -27.44 20.79 2.71
N ALA A 720 -28.41 19.89 2.53
CA ALA A 720 -29.24 19.40 3.62
C ALA A 720 -28.44 18.55 4.60
N PRO A 721 -28.94 18.40 5.84
CA PRO A 721 -28.28 17.53 6.82
C PRO A 721 -28.41 16.05 6.47
N ILE A 722 -27.52 15.56 5.61
CA ILE A 722 -27.48 14.15 5.24
C ILE A 722 -26.11 13.55 5.56
N LEU A 723 -26.12 12.44 6.28
CA LEU A 723 -24.91 11.65 6.46
C LEU A 723 -25.01 10.34 5.68
N LEU A 724 -23.90 9.96 5.06
CA LEU A 724 -23.88 8.80 4.18
C LEU A 724 -22.85 7.78 4.64
N ALA A 725 -23.33 6.58 4.99
CA ALA A 725 -22.47 5.55 5.57
C ALA A 725 -22.16 4.40 4.63
N LEU A 726 -20.87 4.09 4.51
CA LEU A 726 -20.40 3.01 3.62
C LEU A 726 -20.40 1.64 4.30
N VAL A 727 -20.75 0.61 3.53
CA VAL A 727 -20.60 -0.77 3.97
C VAL A 727 -19.77 -1.50 2.91
N ALA A 728 -18.54 -1.86 3.26
CA ALA A 728 -17.61 -2.42 2.28
C ALA A 728 -17.03 -3.77 2.70
N GLY A 729 -16.00 -4.22 1.98
CA GLY A 729 -15.30 -5.47 2.28
C GLY A 729 -16.19 -6.69 2.30
N GLU A 730 -15.86 -7.63 3.18
CA GLU A 730 -16.67 -8.84 3.37
C GLU A 730 -18.02 -8.48 3.99
N ALA A 731 -18.05 -7.36 4.73
CA ALA A 731 -19.24 -6.91 5.43
C ALA A 731 -20.36 -6.52 4.47
N ALA A 732 -19.98 -5.98 3.30
CA ALA A 732 -20.94 -5.54 2.29
C ALA A 732 -21.97 -6.62 1.92
N GLY A 733 -21.46 -7.81 1.60
CA GLY A 733 -22.28 -8.94 1.19
C GLY A 733 -23.21 -9.47 2.27
N ILE A 734 -22.72 -9.50 3.52
CA ILE A 734 -23.49 -10.03 4.64
C ILE A 734 -24.57 -9.06 5.14
N MET A 735 -24.30 -7.76 4.99
CA MET A 735 -25.24 -6.73 5.45
C MET A 735 -26.47 -6.62 4.54
N GLU A 736 -26.43 -7.28 3.39
CA GLU A 736 -27.57 -7.28 2.47
C GLU A 736 -28.69 -8.21 2.97
N ASN A 737 -28.31 -9.23 3.72
CA ASN A 737 -29.26 -10.15 4.36
C ASN A 737 -29.76 -9.66 5.72
N ILE A 738 -29.60 -8.37 5.99
CA ILE A 738 -30.02 -7.77 7.25
C ILE A 738 -30.95 -6.59 6.97
N SER A 739 -32.07 -6.53 7.70
CA SER A 739 -33.11 -5.51 7.49
C SER A 739 -32.62 -4.09 7.74
N ASP A 740 -33.29 -3.13 7.09
CA ASP A 740 -32.93 -1.71 7.14
C ASP A 740 -32.89 -1.14 8.56
N ASP A 741 -33.88 -1.53 9.37
CA ASP A 741 -34.00 -1.03 10.75
C ASP A 741 -32.78 -1.37 11.59
N VAL A 742 -32.33 -2.63 11.49
CA VAL A 742 -31.13 -3.09 12.20
C VAL A 742 -29.89 -2.32 11.73
N ILE A 743 -29.78 -2.10 10.42
CA ILE A 743 -28.66 -1.36 9.84
C ILE A 743 -28.64 0.09 10.33
N VAL A 744 -29.78 0.77 10.21
CA VAL A 744 -29.92 2.15 10.69
C VAL A 744 -29.69 2.20 12.21
N GLY A 745 -30.05 1.12 12.90
CA GLY A 745 -29.79 0.96 14.33
C GLY A 745 -28.31 1.07 14.63
N ARG A 746 -27.53 0.16 14.06
CA ARG A 746 -26.07 0.15 14.21
C ARG A 746 -25.43 1.48 13.80
N CYS A 747 -26.02 2.15 12.81
CA CYS A 747 -25.60 3.48 12.37
C CYS A 747 -25.74 4.51 13.48
N LEU A 748 -26.93 4.60 14.06
CA LEU A 748 -27.21 5.53 15.16
C LEU A 748 -26.32 5.23 16.35
N ALA A 749 -26.20 3.95 16.70
CA ALA A 749 -25.33 3.48 17.78
C ALA A 749 -23.93 4.11 17.68
N ILE A 750 -23.31 3.96 16.52
CA ILE A 750 -21.97 4.48 16.28
C ILE A 750 -21.93 6.01 16.44
N LEU A 751 -22.82 6.70 15.73
CA LEU A 751 -22.88 8.17 15.79
C LEU A 751 -23.11 8.72 17.20
N LYS A 752 -23.91 8.02 17.99
CA LYS A 752 -24.13 8.35 19.40
C LYS A 752 -22.83 8.32 20.19
N GLY A 753 -22.03 7.28 19.97
CA GLY A 753 -20.74 7.12 20.63
C GLY A 753 -19.73 8.21 20.30
N ILE A 754 -19.85 8.80 19.12
CA ILE A 754 -18.90 9.83 18.68
C ILE A 754 -19.36 11.24 19.04
N PHE A 755 -20.66 11.51 18.91
CA PHE A 755 -21.17 12.87 19.07
C PHE A 755 -21.96 13.10 20.36
N GLY A 756 -22.42 12.02 20.99
CA GLY A 756 -23.20 12.13 22.23
C GLY A 756 -24.57 11.49 22.08
N SER A 757 -24.98 10.78 23.12
CA SER A 757 -26.23 10.01 23.12
C SER A 757 -27.49 10.86 22.92
N SER A 758 -27.41 12.13 23.29
CA SER A 758 -28.55 13.05 23.13
C SER A 758 -28.33 14.05 21.99
N ALA A 759 -27.16 13.99 21.37
CA ALA A 759 -26.83 14.86 20.24
C ALA A 759 -27.28 14.26 18.89
N VAL A 760 -27.59 12.95 18.90
CA VAL A 760 -28.01 12.23 17.71
C VAL A 760 -29.51 11.93 17.74
N PRO A 761 -30.30 12.66 16.93
CA PRO A 761 -31.75 12.48 16.90
C PRO A 761 -32.17 11.30 16.00
N GLN A 762 -33.48 11.08 15.88
CA GLN A 762 -33.99 10.06 14.97
C GLN A 762 -33.97 10.54 13.52
N PRO A 763 -33.55 9.67 12.59
CA PRO A 763 -33.51 10.03 11.16
C PRO A 763 -34.91 10.11 10.56
N LYS A 764 -35.16 11.18 9.81
CA LYS A 764 -36.47 11.41 9.19
C LYS A 764 -36.73 10.48 8.01
N GLU A 765 -35.71 10.29 7.16
CA GLU A 765 -35.78 9.37 6.03
C GLU A 765 -34.50 8.54 5.93
N THR A 766 -34.65 7.26 5.63
CA THR A 766 -33.50 6.35 5.48
C THR A 766 -33.59 5.44 4.24
N VAL A 767 -32.48 5.29 3.54
CA VAL A 767 -32.37 4.38 2.39
C VAL A 767 -31.14 3.48 2.54
N VAL A 768 -31.29 2.20 2.16
CA VAL A 768 -30.16 1.27 2.15
C VAL A 768 -30.06 0.55 0.80
N SER A 769 -28.93 0.75 0.10
CA SER A 769 -28.66 0.10 -1.18
C SER A 769 -28.32 -1.39 -1.03
N ARG A 770 -28.68 -2.19 -2.03
CA ARG A 770 -28.32 -3.60 -2.08
C ARG A 770 -27.91 -4.01 -3.50
N TRP A 771 -26.71 -3.59 -3.89
CA TRP A 771 -26.25 -3.74 -5.26
C TRP A 771 -26.03 -5.17 -5.70
N ARG A 772 -25.65 -6.05 -4.78
CA ARG A 772 -25.44 -7.43 -5.15
C ARG A 772 -26.78 -8.12 -5.41
N ALA A 773 -27.81 -7.74 -4.65
CA ALA A 773 -29.13 -8.33 -4.79
C ALA A 773 -29.88 -7.79 -5.99
N ASP A 774 -29.61 -6.53 -6.34
CA ASP A 774 -30.24 -5.87 -7.48
C ASP A 774 -29.97 -6.65 -8.76
N PRO A 775 -31.04 -7.19 -9.38
CA PRO A 775 -30.93 -8.04 -10.57
C PRO A 775 -30.40 -7.35 -11.83
N TRP A 776 -30.36 -6.01 -11.81
CA TRP A 776 -29.88 -5.24 -12.96
C TRP A 776 -28.47 -4.74 -12.76
N ALA A 777 -27.88 -5.14 -11.64
CA ALA A 777 -26.49 -4.83 -11.34
C ALA A 777 -25.74 -6.12 -10.98
N ARG A 778 -26.24 -6.82 -9.97
CA ARG A 778 -25.62 -8.04 -9.45
C ARG A 778 -24.23 -7.75 -8.87
N GLY A 779 -24.11 -6.57 -8.25
CA GLY A 779 -22.84 -6.06 -7.71
C GLY A 779 -22.70 -4.56 -7.92
N SER A 780 -21.52 -4.02 -7.58
CA SER A 780 -21.31 -2.58 -7.61
C SER A 780 -20.45 -2.12 -8.79
N TYR A 781 -19.17 -2.48 -8.80
CA TYR A 781 -18.32 -2.28 -9.96
C TYR A 781 -17.21 -3.31 -10.01
N SER A 782 -16.51 -3.37 -11.15
CA SER A 782 -15.53 -4.43 -11.36
C SER A 782 -14.23 -4.15 -10.65
N TYR A 783 -13.48 -5.22 -10.37
CA TYR A 783 -12.12 -5.14 -9.89
C TYR A 783 -11.26 -6.12 -10.65
N VAL A 784 -9.94 -5.98 -10.57
CA VAL A 784 -9.07 -6.99 -11.15
C VAL A 784 -8.98 -8.12 -10.14
N ALA A 785 -9.63 -9.23 -10.45
CA ALA A 785 -9.57 -10.41 -9.59
C ALA A 785 -8.22 -11.07 -9.74
N ALA A 786 -7.85 -11.84 -8.72
CA ALA A 786 -6.64 -12.65 -8.76
C ALA A 786 -6.82 -13.70 -9.85
N GLY A 787 -5.85 -13.78 -10.75
CA GLY A 787 -5.94 -14.67 -11.90
C GLY A 787 -6.39 -13.94 -13.15
N SER A 788 -6.92 -12.73 -12.96
CA SER A 788 -7.29 -11.86 -14.07
C SER A 788 -6.13 -10.89 -14.30
N SER A 789 -6.26 -10.07 -15.34
CA SER A 789 -5.33 -8.99 -15.61
C SER A 789 -6.08 -7.86 -16.30
N GLY A 790 -5.35 -6.85 -16.75
CA GLY A 790 -5.96 -5.72 -17.43
C GLY A 790 -6.36 -6.10 -18.84
N ASN A 791 -5.75 -7.18 -19.32
CA ASN A 791 -5.97 -7.65 -20.68
C ASN A 791 -7.36 -8.23 -20.88
N ASP A 792 -7.97 -8.73 -19.81
CA ASP A 792 -9.34 -9.24 -19.84
C ASP A 792 -10.32 -8.14 -20.18
N TYR A 793 -10.08 -6.94 -19.65
CA TYR A 793 -10.86 -5.76 -19.96
C TYR A 793 -10.88 -5.46 -21.46
N ASP A 794 -9.75 -5.70 -22.12
CA ASP A 794 -9.68 -5.59 -23.58
C ASP A 794 -10.53 -6.67 -24.25
N LEU A 795 -10.39 -7.91 -23.80
CA LEU A 795 -11.21 -9.01 -24.29
C LEU A 795 -12.70 -8.68 -24.20
N MET A 796 -13.12 -8.07 -23.10
CA MET A 796 -14.52 -7.64 -22.94
C MET A 796 -14.97 -6.67 -24.01
N ALA A 797 -14.12 -5.75 -24.41
CA ALA A 797 -14.48 -4.74 -25.40
C ALA A 797 -14.47 -5.26 -26.84
N GLN A 798 -13.85 -6.41 -27.06
CA GLN A 798 -13.76 -7.05 -28.39
C GLN A 798 -15.14 -7.49 -28.90
N PRO A 799 -15.53 -7.01 -30.09
CA PRO A 799 -16.84 -7.35 -30.67
C PRO A 799 -16.91 -8.79 -31.21
N ILE A 800 -18.13 -9.31 -31.35
CA ILE A 800 -18.37 -10.67 -31.86
C ILE A 800 -18.83 -10.66 -33.32
N THR A 801 -18.16 -11.45 -34.15
CA THR A 801 -18.56 -11.65 -35.54
C THR A 801 -19.16 -13.04 -35.68
N PRO A 802 -20.44 -13.11 -36.12
CA PRO A 802 -21.12 -14.40 -36.30
C PRO A 802 -20.49 -15.25 -37.41
N GLY A 803 -20.85 -16.52 -37.46
CA GLY A 803 -20.49 -17.37 -38.60
C GLY A 803 -21.32 -17.04 -39.83
N PRO A 804 -20.91 -17.54 -41.01
CA PRO A 804 -21.70 -17.26 -42.21
C PRO A 804 -23.01 -18.06 -42.23
N SER A 805 -24.03 -17.53 -42.92
CA SER A 805 -25.31 -18.23 -43.07
C SER A 805 -25.14 -19.44 -43.98
N ILE A 806 -24.76 -19.19 -45.24
CA ILE A 806 -24.42 -20.22 -46.19
C ILE A 806 -22.95 -20.60 -45.96
N PRO A 807 -22.64 -21.90 -45.83
CA PRO A 807 -21.23 -22.29 -45.72
C PRO A 807 -20.47 -21.93 -47.00
N GLY A 808 -19.24 -21.45 -46.84
CA GLY A 808 -18.42 -20.99 -47.96
C GLY A 808 -18.77 -19.59 -48.43
N ALA A 809 -19.40 -18.81 -47.56
CA ALA A 809 -19.73 -17.41 -47.84
C ALA A 809 -18.73 -16.49 -47.15
N PRO A 810 -18.50 -15.28 -47.71
CA PRO A 810 -17.50 -14.34 -47.18
C PRO A 810 -17.65 -14.06 -45.68
N GLN A 811 -16.52 -13.77 -45.03
CA GLN A 811 -16.47 -13.39 -43.62
C GLN A 811 -17.43 -12.25 -43.29
N PRO A 812 -18.38 -12.50 -42.37
CA PRO A 812 -19.42 -11.53 -42.04
C PRO A 812 -18.90 -10.27 -41.34
N ILE A 813 -19.78 -9.28 -41.25
CA ILE A 813 -19.57 -8.08 -40.46
C ILE A 813 -19.67 -8.46 -38.98
N PRO A 814 -18.90 -7.77 -38.10
CA PRO A 814 -19.12 -7.89 -36.64
C PRO A 814 -20.49 -7.32 -36.25
N ARG A 815 -21.22 -8.07 -35.43
CA ARG A 815 -22.61 -7.74 -35.13
C ARG A 815 -22.87 -7.36 -33.67
N LEU A 816 -22.16 -8.03 -32.75
CA LEU A 816 -22.37 -7.83 -31.31
C LEU A 816 -21.23 -7.05 -30.67
N PHE A 817 -21.56 -5.85 -30.18
CA PHE A 817 -20.57 -4.93 -29.61
C PHE A 817 -20.75 -4.75 -28.10
N PHE A 818 -19.66 -4.46 -27.39
CA PHE A 818 -19.70 -4.35 -25.94
C PHE A 818 -19.10 -3.06 -25.42
N ALA A 819 -19.90 -2.32 -24.65
CA ALA A 819 -19.41 -1.16 -23.93
C ALA A 819 -19.68 -1.34 -22.45
N GLY A 820 -19.20 -0.39 -21.66
CA GLY A 820 -19.42 -0.45 -20.23
C GLY A 820 -18.14 -0.35 -19.43
N GLU A 821 -18.31 -0.01 -18.17
CA GLU A 821 -17.25 0.14 -17.20
C GLU A 821 -16.26 -1.03 -17.16
N HIS A 822 -16.76 -2.24 -17.33
CA HIS A 822 -15.93 -3.44 -17.33
C HIS A 822 -15.19 -3.66 -18.64
N THR A 823 -15.32 -2.74 -19.59
CA THR A 823 -14.70 -2.91 -20.91
C THR A 823 -13.58 -1.92 -21.22
N ILE A 824 -13.29 -1.02 -20.28
CA ILE A 824 -12.29 0.02 -20.49
C ILE A 824 -11.10 -0.12 -19.53
N ARG A 825 -10.08 -0.80 -20.04
CA ARG A 825 -8.84 -1.14 -19.33
C ARG A 825 -8.21 0.01 -18.52
N ASN A 826 -8.18 1.20 -19.10
CA ASN A 826 -7.51 2.34 -18.47
C ASN A 826 -8.39 3.16 -17.51
N TYR A 827 -9.69 2.88 -17.47
CA TYR A 827 -10.61 3.66 -16.63
C TYR A 827 -11.74 2.82 -16.03
N PRO A 828 -11.44 1.59 -15.56
CA PRO A 828 -12.52 0.74 -15.08
C PRO A 828 -13.23 1.28 -13.85
N ALA A 829 -14.38 0.71 -13.55
CA ALA A 829 -15.15 1.00 -12.33
C ALA A 829 -15.53 2.47 -12.12
N THR A 830 -15.64 3.24 -13.20
CA THR A 830 -15.93 4.67 -13.07
C THR A 830 -17.03 5.12 -14.03
N VAL A 831 -17.61 6.28 -13.75
CA VAL A 831 -18.56 6.92 -14.67
C VAL A 831 -17.86 7.33 -15.97
N HIS A 832 -16.80 8.12 -15.84
CA HIS A 832 -16.06 8.59 -17.01
C HIS A 832 -15.55 7.44 -17.82
N GLY A 833 -15.26 6.32 -17.17
CA GLY A 833 -14.81 5.12 -17.84
C GLY A 833 -15.90 4.58 -18.74
N ALA A 834 -17.08 4.38 -18.16
CA ALA A 834 -18.25 3.94 -18.90
C ALA A 834 -18.51 4.90 -20.05
N LEU A 835 -18.60 6.19 -19.73
CA LEU A 835 -18.77 7.24 -20.72
C LEU A 835 -17.83 7.04 -21.89
N LEU A 836 -16.54 6.93 -21.62
CA LEU A 836 -15.55 6.80 -22.67
C LEU A 836 -15.73 5.53 -23.51
N SER A 837 -16.16 4.44 -22.87
CA SER A 837 -16.36 3.16 -23.56
C SER A 837 -17.52 3.28 -24.54
N GLY A 838 -18.58 3.95 -24.09
CA GLY A 838 -19.73 4.27 -24.94
C GLY A 838 -19.26 5.01 -26.18
N LEU A 839 -18.51 6.09 -25.99
CA LEU A 839 -17.97 6.85 -27.10
C LEU A 839 -17.16 5.93 -28.00
N ARG A 840 -16.30 5.11 -27.39
CA ARG A 840 -15.46 4.15 -28.11
C ARG A 840 -16.27 3.31 -29.08
N GLU A 841 -17.32 2.66 -28.57
CA GLU A 841 -18.08 1.72 -29.37
C GLU A 841 -18.87 2.40 -30.48
N ALA A 842 -19.53 3.51 -30.15
CA ALA A 842 -20.21 4.33 -31.15
C ALA A 842 -19.28 4.59 -32.33
N GLY A 843 -18.05 5.01 -32.04
CA GLY A 843 -17.05 5.22 -33.07
C GLY A 843 -16.82 3.97 -33.90
N ARG A 844 -16.65 2.83 -33.24
CA ARG A 844 -16.36 1.56 -33.92
C ARG A 844 -17.54 1.10 -34.76
N ILE A 845 -18.74 1.23 -34.20
CA ILE A 845 -19.98 0.87 -34.91
C ILE A 845 -20.19 1.75 -36.15
N ALA A 846 -20.06 3.07 -35.97
CA ALA A 846 -20.22 3.99 -37.09
C ALA A 846 -19.21 3.70 -38.19
N ASP A 847 -17.96 3.47 -37.82
CA ASP A 847 -16.92 3.08 -38.77
C ASP A 847 -17.32 1.85 -39.58
N GLN A 848 -17.95 0.90 -38.89
CA GLN A 848 -18.34 -0.38 -39.46
C GLN A 848 -19.51 -0.27 -40.43
N PHE A 849 -20.49 0.56 -40.08
CA PHE A 849 -21.76 0.58 -40.81
C PHE A 849 -21.99 1.83 -41.67
N LEU A 850 -21.32 2.92 -41.35
CA LEU A 850 -21.40 4.15 -42.15
C LEU A 850 -20.13 4.39 -42.95
N GLY A 851 -19.10 3.60 -42.69
CA GLY A 851 -17.84 3.69 -43.42
C GLY A 851 -16.94 4.82 -42.94
N ALA A 852 -15.63 4.58 -42.99
CA ALA A 852 -14.63 5.55 -42.57
C ALA A 852 -14.07 6.32 -43.76
N MET A 853 -14.63 7.50 -44.02
CA MET A 853 -14.24 8.33 -45.17
C MET A 853 -12.89 9.02 -44.97
N TYR A 854 -12.48 9.13 -43.70
CA TYR A 854 -11.29 9.89 -43.30
C TYR A 854 -9.97 9.12 -43.33
N THR A 855 -9.97 7.92 -43.91
CA THR A 855 -8.76 7.09 -43.95
C THR A 855 -8.16 6.97 -45.36
N LEU A 856 -8.01 8.12 -46.03
CA LEU A 856 -7.37 8.20 -47.35
C LEU A 856 -6.15 9.12 -47.31
N ARG B 308 14.04 -1.40 -6.87
CA ARG B 308 15.46 -1.65 -6.49
C ARG B 308 15.60 -2.12 -5.03
N LYS B 309 15.05 -1.33 -4.11
CA LYS B 309 15.13 -1.62 -2.68
C LYS B 309 13.80 -1.38 -1.96
N PRO B 310 13.52 -2.14 -0.89
CA PRO B 310 12.28 -2.00 -0.10
C PRO B 310 12.12 -0.58 0.46
N PRO B 311 10.90 -0.23 0.90
CA PRO B 311 10.71 1.06 1.57
C PRO B 311 11.43 1.09 2.93
N LYS B 312 11.59 2.29 3.48
CA LYS B 312 12.19 2.45 4.81
C LYS B 312 11.30 1.86 5.90
N GLY B 313 11.93 1.14 6.83
CA GLY B 313 11.23 0.48 7.93
C GLY B 313 10.49 -0.77 7.49
N MET B 314 10.94 -1.36 6.40
CA MET B 314 10.31 -2.53 5.80
C MET B 314 11.39 -3.51 5.39
N PHE B 315 11.30 -4.74 5.88
CA PHE B 315 12.35 -5.73 5.72
C PHE B 315 11.84 -6.97 5.01
N LEU B 316 12.31 -7.16 3.78
CA LEU B 316 11.81 -8.21 2.90
C LEU B 316 12.94 -8.73 2.00
N SER B 317 13.59 -9.79 2.46
CA SER B 317 14.59 -10.46 1.64
C SER B 317 13.96 -11.66 0.96
N GLN B 318 14.49 -12.02 -0.21
CA GLN B 318 14.02 -13.18 -0.97
C GLN B 318 13.99 -14.44 -0.11
N GLU B 319 15.01 -14.59 0.73
CA GLU B 319 15.15 -15.71 1.64
C GLU B 319 14.01 -15.78 2.67
N ASP B 320 13.67 -14.64 3.25
CA ASP B 320 12.61 -14.54 4.27
C ASP B 320 11.23 -14.84 3.72
N VAL B 321 11.02 -14.48 2.45
CA VAL B 321 9.74 -14.71 1.77
C VAL B 321 9.49 -16.21 1.61
N GLU B 322 10.49 -16.92 1.07
CA GLU B 322 10.41 -18.36 0.84
C GLU B 322 10.20 -19.16 2.12
N ALA B 323 10.72 -18.62 3.23
CA ALA B 323 10.64 -19.28 4.54
C ALA B 323 9.25 -19.23 5.17
N VAL B 324 8.57 -18.11 4.97
CA VAL B 324 7.23 -17.90 5.55
C VAL B 324 6.14 -18.46 4.63
N SER B 325 6.44 -18.54 3.33
CA SER B 325 5.50 -19.07 2.34
C SER B 325 5.76 -20.53 1.98
N ALA B 326 6.59 -21.20 2.77
CA ALA B 326 6.96 -22.60 2.52
C ALA B 326 5.77 -23.54 2.58
N ASN B 327 4.88 -23.33 3.56
CA ASN B 327 3.64 -24.09 3.67
C ASN B 327 2.53 -23.32 4.39
N ALA B 328 1.50 -24.03 4.85
CA ALA B 328 0.29 -23.45 5.43
C ALA B 328 0.56 -22.67 6.72
N THR B 329 1.18 -23.32 7.69
CA THR B 329 1.50 -22.69 8.98
C THR B 329 3.00 -22.58 9.25
N ALA B 330 3.79 -22.48 8.18
CA ALA B 330 5.21 -22.18 8.28
C ALA B 330 5.42 -20.74 8.77
N ALA B 331 4.34 -19.96 8.73
CA ALA B 331 4.35 -18.58 9.22
C ALA B 331 4.39 -18.55 10.74
N THR B 332 3.46 -19.26 11.38
CA THR B 332 3.37 -19.29 12.84
C THR B 332 4.42 -20.21 13.50
N THR B 333 4.95 -21.16 12.71
CA THR B 333 6.02 -22.05 13.16
C THR B 333 7.30 -21.26 13.42
N VAL B 334 7.71 -20.45 12.44
CA VAL B 334 8.88 -19.58 12.56
C VAL B 334 8.70 -18.55 13.69
N LEU B 335 7.49 -18.01 13.82
CA LEU B 335 7.19 -17.04 14.88
C LEU B 335 7.14 -17.67 16.28
N ARG B 336 6.92 -18.98 16.34
CA ARG B 336 6.99 -19.71 17.61
C ARG B 336 8.43 -19.96 18.06
N GLN B 337 9.26 -20.47 17.15
CA GLN B 337 10.68 -20.69 17.43
C GLN B 337 11.33 -19.45 18.04
N LEU B 338 11.09 -18.30 17.43
CA LEU B 338 11.65 -17.03 17.92
C LEU B 338 10.99 -16.57 19.22
N ASP B 339 9.73 -16.94 19.44
CA ASP B 339 9.03 -16.65 20.69
C ASP B 339 9.58 -17.46 21.86
N MET B 340 9.96 -18.70 21.57
CA MET B 340 10.58 -19.57 22.58
C MET B 340 12.06 -19.26 22.76
N GLU B 341 12.72 -18.88 21.67
CA GLU B 341 14.10 -18.40 21.72
C GLU B 341 14.24 -17.17 22.62
N LEU B 342 13.24 -16.30 22.58
CA LEU B 342 13.22 -15.09 23.39
C LEU B 342 13.07 -15.42 24.88
N VAL B 343 12.19 -16.37 25.20
CA VAL B 343 11.98 -16.81 26.58
C VAL B 343 13.24 -17.49 27.12
N SER B 344 13.83 -18.37 26.30
CA SER B 344 15.07 -19.06 26.62
C SER B 344 16.19 -18.10 27.02
N VAL B 345 16.43 -17.08 26.17
CA VAL B 345 17.50 -16.12 26.40
C VAL B 345 17.17 -15.14 27.53
N LYS B 346 15.88 -14.93 27.78
CA LYS B 346 15.45 -14.01 28.83
C LYS B 346 15.69 -14.57 30.23
N ARG B 347 15.36 -15.85 30.43
CA ARG B 347 15.60 -16.53 31.70
C ARG B 347 17.08 -16.91 31.88
N GLN B 348 17.80 -17.00 30.77
CA GLN B 348 19.25 -17.20 30.79
C GLN B 348 19.95 -15.93 31.30
N ILE B 349 19.34 -14.78 31.02
CA ILE B 349 19.84 -13.50 31.52
C ILE B 349 19.72 -13.43 33.04
N GLN B 350 18.52 -13.68 33.56
CA GLN B 350 18.27 -13.65 35.01
C GLN B 350 19.15 -14.64 35.76
N ASN B 351 19.48 -15.76 35.11
CA ASN B 351 20.35 -16.78 35.66
C ASN B 351 21.78 -16.27 35.89
N ILE B 352 22.35 -15.64 34.87
CA ILE B 352 23.70 -15.07 34.96
C ILE B 352 23.71 -13.76 35.75
N LYS B 353 22.58 -13.05 35.75
CA LYS B 353 22.41 -11.84 36.55
C LYS B 353 22.38 -12.19 38.04
N GLN B 354 21.82 -13.35 38.35
CA GLN B 354 21.78 -13.87 39.71
C GLN B 354 23.16 -14.33 40.17
N THR B 355 23.86 -15.04 39.28
CA THR B 355 25.23 -15.49 39.54
C THR B 355 26.17 -14.31 39.79
N ASN B 356 26.14 -13.32 38.89
CA ASN B 356 26.97 -12.13 39.02
C ASN B 356 26.66 -11.27 40.25
N SER B 357 25.41 -11.31 40.70
CA SER B 357 24.99 -10.58 41.89
C SER B 357 25.60 -11.20 43.16
N ALA B 358 25.65 -12.53 43.20
CA ALA B 358 26.22 -13.25 44.33
C ALA B 358 27.75 -13.13 44.37
N LEU B 359 28.39 -13.10 43.19
CA LEU B 359 29.84 -12.92 43.10
C LEU B 359 30.29 -11.50 43.45
N LYS B 360 29.37 -10.54 43.32
CA LYS B 360 29.65 -9.16 43.68
C LYS B 360 29.62 -8.93 45.20
N GLU B 361 28.80 -9.70 45.90
CA GLU B 361 28.69 -9.60 47.35
C GLU B 361 29.93 -10.19 48.04
N LYS B 362 30.60 -11.11 47.37
CA LYS B 362 31.85 -11.68 47.86
C LYS B 362 33.03 -10.73 47.64
N LEU B 363 32.93 -9.89 46.62
CA LEU B 363 33.93 -8.85 46.36
C LEU B 363 33.64 -7.56 47.13
N ASP B 364 32.65 -7.60 48.02
CA ASP B 364 32.25 -6.43 48.80
C ASP B 364 33.33 -6.06 49.82
N GLY B 365 33.64 -4.76 49.88
CA GLY B 365 34.71 -4.25 50.73
C GLY B 365 35.98 -3.98 49.95
N GLY B 366 36.11 -4.61 48.79
CA GLY B 366 37.30 -4.48 47.94
C GLY B 366 38.50 -5.16 48.56
N ILE B 367 39.67 -4.57 48.35
CA ILE B 367 40.91 -5.06 48.95
C ILE B 367 41.53 -4.03 49.90
N GLU B 368 40.66 -3.24 50.54
CA GLU B 368 41.08 -2.16 51.43
C GLU B 368 41.90 -2.62 52.64
N PRO B 369 41.46 -3.70 53.32
CA PRO B 369 42.22 -4.16 54.50
C PRO B 369 43.57 -4.80 54.16
N TYR B 370 43.94 -4.79 52.87
CA TYR B 370 45.13 -5.50 52.42
C TYR B 370 46.12 -4.62 51.65
N ARG B 371 45.88 -3.31 51.68
CA ARG B 371 46.75 -2.35 50.99
C ARG B 371 47.93 -1.89 51.84
N LEU B 372 49.10 -1.88 51.21
CA LEU B 372 50.34 -1.47 51.86
C LEU B 372 50.63 0.00 51.53
N PRO B 373 50.88 0.82 52.57
CA PRO B 373 51.11 2.26 52.42
C PRO B 373 52.22 2.62 51.41
N GLU B 374 52.13 3.85 50.90
CA GLU B 374 53.07 4.37 49.91
C GLU B 374 54.48 4.55 50.48
N VAL B 375 55.41 3.73 50.01
CA VAL B 375 56.80 3.82 50.43
C VAL B 375 57.64 4.46 49.31
N ILE B 376 57.61 5.80 49.25
CA ILE B 376 58.42 6.54 48.29
C ILE B 376 59.82 6.77 48.83
N GLN B 377 60.81 6.17 48.16
CA GLN B 377 62.20 6.25 48.61
C GLN B 377 63.13 6.67 47.48
N LYS B 378 64.15 7.43 47.83
CA LYS B 378 65.11 7.97 46.86
C LYS B 378 66.12 6.92 46.42
N CYS B 379 66.39 6.88 45.12
CA CYS B 379 67.28 5.90 44.51
C CYS B 379 68.75 6.17 44.88
N ASN B 380 69.51 5.09 45.10
CA ASN B 380 70.91 5.18 45.49
C ASN B 380 71.83 4.45 44.52
N ALA B 381 73.05 4.96 44.37
CA ALA B 381 74.03 4.38 43.47
C ALA B 381 74.87 3.27 44.13
N ARG B 382 75.17 3.45 45.41
CA ARG B 382 76.03 2.51 46.15
C ARG B 382 75.30 1.24 46.56
N TRP B 383 75.97 0.11 46.35
CA TRP B 383 75.45 -1.21 46.74
C TRP B 383 75.95 -1.61 48.10
N THR B 384 75.08 -1.55 49.11
CA THR B 384 75.44 -2.04 50.44
C THR B 384 75.49 -3.57 50.42
N THR B 385 76.27 -4.16 51.32
CA THR B 385 76.37 -5.60 51.44
C THR B 385 74.98 -6.22 51.62
N GLU B 386 74.15 -5.55 52.41
CA GLU B 386 72.76 -5.93 52.62
C GLU B 386 72.01 -6.00 51.28
N GLU B 387 72.06 -4.91 50.52
CA GLU B 387 71.39 -4.80 49.22
C GLU B 387 71.87 -5.84 48.22
N GLN B 388 73.17 -6.12 48.24
CA GLN B 388 73.77 -7.14 47.38
C GLN B 388 73.17 -8.52 47.68
N LEU B 389 72.95 -8.80 48.96
CA LEU B 389 72.41 -10.08 49.41
C LEU B 389 70.94 -10.25 49.06
N LEU B 390 70.17 -9.17 49.21
CA LEU B 390 68.77 -9.14 48.77
C LEU B 390 68.69 -9.46 47.28
N ALA B 391 69.58 -8.84 46.51
CA ALA B 391 69.65 -9.02 45.07
C ALA B 391 69.82 -10.48 44.66
N VAL B 392 70.83 -11.14 45.22
CA VAL B 392 71.11 -12.54 44.88
C VAL B 392 69.90 -13.44 45.17
N GLN B 393 69.19 -13.16 46.24
CA GLN B 393 67.99 -13.89 46.59
C GLN B 393 66.84 -13.57 45.64
N ALA B 394 66.76 -12.30 45.24
CA ALA B 394 65.76 -11.84 44.28
C ALA B 394 65.96 -12.48 42.91
N ILE B 395 67.23 -12.71 42.54
CA ILE B 395 67.57 -13.41 41.31
C ILE B 395 67.13 -14.87 41.39
N ARG B 396 67.34 -15.47 42.55
CA ARG B 396 66.93 -16.85 42.79
C ARG B 396 65.42 -17.04 42.66
N LYS B 397 64.66 -16.02 43.04
CA LYS B 397 63.20 -16.09 43.06
C LYS B 397 62.53 -15.54 41.79
N TYR B 398 63.14 -14.53 41.17
CA TYR B 398 62.49 -13.83 40.05
C TYR B 398 63.17 -13.95 38.69
N GLY B 399 64.34 -14.59 38.65
CA GLY B 399 65.09 -14.80 37.42
C GLY B 399 65.56 -13.53 36.74
N ARG B 400 64.95 -13.21 35.60
CA ARG B 400 65.36 -12.06 34.79
C ARG B 400 64.44 -10.85 34.90
N ASP B 401 63.38 -10.98 35.70
CA ASP B 401 62.46 -9.87 35.92
C ASP B 401 63.15 -8.74 36.69
N PHE B 402 63.79 -7.84 35.95
CA PHE B 402 64.57 -6.76 36.53
C PHE B 402 63.70 -5.77 37.30
N GLN B 403 62.42 -5.69 36.94
CA GLN B 403 61.49 -4.78 37.59
C GLN B 403 61.18 -5.26 39.01
N ALA B 404 60.87 -6.55 39.14
CA ALA B 404 60.60 -7.16 40.44
C ALA B 404 61.77 -6.97 41.38
N ILE B 405 62.94 -7.42 40.94
CA ILE B 405 64.19 -7.28 41.70
C ILE B 405 64.40 -5.85 42.19
N SER B 406 64.19 -4.88 41.30
CA SER B 406 64.31 -3.46 41.63
C SER B 406 63.35 -3.04 42.75
N ASP B 407 62.15 -3.60 42.75
CA ASP B 407 61.14 -3.25 43.74
C ASP B 407 61.42 -3.89 45.10
N VAL B 408 62.01 -5.08 45.08
CA VAL B 408 62.38 -5.81 46.30
C VAL B 408 63.46 -5.04 47.06
N ILE B 409 64.54 -4.70 46.37
CA ILE B 409 65.65 -3.94 46.95
C ILE B 409 65.19 -2.55 47.37
N GLY B 410 64.45 -1.87 46.49
CA GLY B 410 63.80 -0.60 46.83
C GLY B 410 64.52 0.64 46.34
N ASN B 411 65.84 0.68 46.53
CA ASN B 411 66.63 1.84 46.13
C ASN B 411 67.62 1.56 45.00
N LYS B 412 67.17 0.78 44.02
CA LYS B 412 67.96 0.51 42.82
C LYS B 412 67.08 0.57 41.57
N SER B 413 67.53 1.32 40.57
CA SER B 413 66.80 1.45 39.31
C SER B 413 66.97 0.19 38.46
N VAL B 414 66.05 0.03 37.50
CA VAL B 414 66.00 -1.16 36.63
C VAL B 414 67.30 -1.38 35.85
N VAL B 415 67.96 -0.29 35.47
CA VAL B 415 69.22 -0.35 34.75
C VAL B 415 70.38 -0.80 35.68
N GLN B 416 70.37 -0.28 36.90
CA GLN B 416 71.36 -0.66 37.91
C GLN B 416 71.32 -2.15 38.21
N VAL B 417 70.11 -2.70 38.20
CA VAL B 417 69.89 -4.13 38.35
C VAL B 417 70.57 -4.89 37.20
N LYS B 418 70.39 -4.41 35.98
CA LYS B 418 71.02 -5.00 34.80
C LYS B 418 72.54 -4.90 34.89
N ASN B 419 73.02 -3.76 35.41
CA ASN B 419 74.45 -3.54 35.65
C ASN B 419 74.99 -4.56 36.63
N PHE B 420 74.28 -4.72 37.75
CA PHE B 420 74.62 -5.69 38.79
C PHE B 420 74.86 -7.08 38.21
N PHE B 421 73.99 -7.49 37.28
CA PHE B 421 74.10 -8.77 36.60
C PHE B 421 75.44 -8.94 35.92
N VAL B 422 75.91 -7.88 35.29
CA VAL B 422 77.18 -7.91 34.56
C VAL B 422 78.35 -7.77 35.52
N ASN B 423 78.25 -6.82 36.45
CA ASN B 423 79.34 -6.48 37.38
C ASN B 423 79.75 -7.61 38.33
N TYR B 424 78.76 -8.30 38.89
CA TYR B 424 79.01 -9.30 39.91
C TYR B 424 78.83 -10.73 39.39
N ARG B 425 78.63 -10.83 38.08
CA ARG B 425 78.41 -12.10 37.38
C ARG B 425 79.31 -13.24 37.87
N ARG B 426 80.59 -12.93 38.08
CA ARG B 426 81.56 -13.92 38.50
C ARG B 426 81.50 -14.19 40.01
N ARG B 427 81.48 -13.11 40.79
CA ARG B 427 81.56 -13.19 42.26
C ARG B 427 80.33 -13.79 42.93
N PHE B 428 79.17 -13.68 42.28
CA PHE B 428 77.93 -14.22 42.82
C PHE B 428 77.38 -15.40 42.02
N ASN B 429 78.23 -16.01 41.18
CA ASN B 429 77.85 -17.14 40.33
C ASN B 429 76.44 -16.99 39.75
N ILE B 430 76.14 -15.81 39.22
CA ILE B 430 74.79 -15.47 38.75
C ILE B 430 74.30 -16.42 37.64
N ASP B 431 75.24 -17.04 36.95
CA ASP B 431 74.93 -18.12 36.01
C ASP B 431 74.25 -19.28 36.72
N GLU B 432 74.87 -19.75 37.80
CA GLU B 432 74.33 -20.84 38.61
C GLU B 432 72.99 -20.47 39.24
N VAL B 433 72.89 -19.24 39.75
CA VAL B 433 71.68 -18.76 40.42
C VAL B 433 70.50 -18.70 39.45
N LEU B 434 70.78 -18.32 38.20
CA LEU B 434 69.75 -18.24 37.17
C LEU B 434 69.28 -19.61 36.68
N GLN B 435 70.21 -20.56 36.56
CA GLN B 435 69.86 -21.92 36.14
C GLN B 435 69.16 -22.71 37.24
N GLU B 436 69.39 -22.31 38.50
CA GLU B 436 68.66 -22.86 39.64
C GLU B 436 67.21 -22.38 39.63
N TRP B 437 67.00 -21.15 39.18
CA TRP B 437 65.67 -20.58 39.04
C TRP B 437 64.92 -21.19 37.89
N GLU B 438 65.66 -21.61 36.86
CA GLU B 438 65.07 -22.22 35.67
C GLU B 438 64.51 -23.62 35.94
N ALA B 439 65.13 -24.34 36.86
CA ALA B 439 64.71 -25.70 37.22
C ALA B 439 63.30 -25.77 37.85
N GLU B 440 62.83 -24.64 38.38
CA GLU B 440 61.49 -24.56 38.96
C GLU B 440 60.44 -24.16 37.92
N PRO C 1 -11.06 0.64 -8.01
CA PRO C 1 -9.61 0.71 -8.10
C PRO C 1 -9.01 1.72 -7.10
N ARG C 2 -7.70 1.94 -7.17
CA ARG C 2 -7.00 2.84 -6.26
C ARG C 2 -7.65 4.21 -6.15
N GLY C 3 -8.00 4.80 -7.29
CA GLY C 3 -8.52 6.17 -7.35
C GLY C 3 -9.63 6.55 -6.39
N PHE C 4 -10.33 5.57 -5.83
CA PHE C 4 -11.45 5.84 -4.92
C PHE C 4 -11.02 6.03 -3.47
N LEU C 5 -9.76 5.72 -3.17
CA LEU C 5 -9.21 5.80 -1.80
C LEU C 5 -9.35 7.18 -1.16
N VAL C 6 -9.80 7.18 0.08
CA VAL C 6 -9.95 8.38 0.85
C VAL C 6 -8.67 8.67 1.61
N LYS C 7 -8.61 9.46 2.05
CA LYS C 7 -7.51 9.99 2.82
C LYS C 7 -6.22 9.92 2.02
N ARG C 8 -6.05 10.10 0.99
CA ARG C 8 -4.86 10.03 0.16
C ARG C 8 -3.74 10.85 0.78
#